data_9N1Z
#
_entry.id   9N1Z
#
_cell.length_a   113.302
_cell.length_b   116.228
_cell.length_c   165.582
_cell.angle_alpha   90.00
_cell.angle_beta   90.00
_cell.angle_gamma   90.00
#
_symmetry.space_group_name_H-M   'C 2 2 21'
#
loop_
_entity.id
_entity.type
_entity.pdbx_description
1 polymer 'Complement C3dg fragment'
2 polymer 'Complement factor H-related protein 2'
3 non-polymer 'SULFATE ION'
4 water water
#
loop_
_entity_poly.entity_id
_entity_poly.type
_entity_poly.pdbx_seq_one_letter_code
_entity_poly.pdbx_strand_id
1 'polypeptide(L)'
;GSRSTDAERLKHLIVTPSGAGEQNMIGMTPTVIAVHYLDETEQWEKFGLEKRQGALELIKKGYTQQLAFRQPSSAFAAFV
KRAPSTWLTAYVVKVFSLAVNLIAIDSQVLCGAVKWLILEKQKPDGVFQEDAPVIHQEMIGGLRNNNEKDMALTAFVLIS
LQEAKDICEEQVNSLPGSITKAGDFLEANYMNLQRSYTVAIAGYALAQMGRLKGPLLNKFLTTAKDKNRWEDPGKQLYNV
EATSYALLALLQLKDFDFVPPVVRWLNEQRYYGGGYGSTQATFMVFQALAQYQKDAP
;
A,C
2 'polypeptide(L)'
;GSTGSSAEKCGPPPPIDNGDITSFLLSVYAPGSSVEYQCQNLYQLEGNNQITCRNGQWSEPPKCLDPCVISQEIMEKYNI
KLKWTNQQKLYSRTGDIVEFVCKSGYHPTKSHSFRAMCQNGKLVYPSCEEK
;
B,D
#
loop_
_chem_comp.id
_chem_comp.type
_chem_comp.name
_chem_comp.formula
SO4 non-polymer 'SULFATE ION' 'O4 S -2'
#
# COMPACT_ATOMS: atom_id res chain seq x y z
N SER A 2 30.34 -43.06 18.49
CA SER A 2 31.73 -42.98 18.91
C SER A 2 31.87 -42.19 20.21
N ARG A 3 32.26 -40.93 20.09
CA ARG A 3 32.33 -40.02 21.24
C ARG A 3 30.97 -39.48 21.66
N SER A 4 29.94 -40.31 21.58
CA SER A 4 28.58 -39.86 21.81
C SER A 4 28.36 -39.46 23.27
N THR A 5 27.62 -38.38 23.47
CA THR A 5 27.23 -37.97 24.81
C THR A 5 26.18 -38.93 25.36
N ASP A 6 26.45 -39.48 26.55
CA ASP A 6 25.59 -40.52 27.10
C ASP A 6 24.18 -39.98 27.33
N ALA A 7 23.19 -40.85 27.07
CA ALA A 7 21.79 -40.43 27.14
C ALA A 7 21.38 -40.04 28.55
N GLU A 8 22.01 -40.62 29.57
CA GLU A 8 21.64 -40.31 30.95
C GLU A 8 21.88 -38.84 31.26
N ARG A 9 23.04 -38.31 30.87
CA ARG A 9 23.34 -36.90 31.06
C ARG A 9 22.36 -35.99 30.34
N LEU A 10 21.54 -36.53 29.43
CA LEU A 10 20.55 -35.74 28.69
C LEU A 10 19.13 -36.02 29.15
N LYS A 11 18.95 -36.80 30.21
CA LYS A 11 17.62 -37.12 30.72
C LYS A 11 16.76 -35.86 30.88
N HIS A 12 17.34 -34.81 31.45
CA HIS A 12 16.61 -33.59 31.76
C HIS A 12 16.12 -32.85 30.53
N LEU A 13 16.53 -33.25 29.33
CA LEU A 13 16.12 -32.53 28.12
C LEU A 13 14.75 -32.94 27.61
N ILE A 14 14.15 -34.00 28.16
CA ILE A 14 12.80 -34.41 27.77
C ILE A 14 11.84 -33.60 28.65
N VAL A 15 11.21 -32.59 28.05
CA VAL A 15 10.48 -31.56 28.78
C VAL A 15 9.05 -31.50 28.26
N THR A 16 8.10 -31.34 29.18
CA THR A 16 6.71 -31.13 28.81
C THR A 16 6.49 -29.68 28.42
N PRO A 17 6.14 -29.37 27.18
CA PRO A 17 5.96 -27.97 26.78
C PRO A 17 4.65 -27.39 27.27
N SER A 18 4.69 -26.11 27.60
CA SER A 18 3.51 -25.37 28.04
C SER A 18 3.80 -23.88 27.88
N GLY A 19 2.76 -23.08 28.05
CA GLY A 19 2.88 -21.64 27.97
C GLY A 19 2.38 -21.08 26.64
N ALA A 20 2.78 -19.83 26.39
CA ALA A 20 2.32 -19.10 25.22
C ALA A 20 3.24 -19.37 24.04
N GLY A 21 3.17 -18.52 23.00
CA GLY A 21 3.84 -18.81 21.75
C GLY A 21 5.35 -18.89 21.85
N GLU A 22 5.94 -18.20 22.83
CA GLU A 22 7.39 -18.28 23.01
C GLU A 22 7.79 -19.36 24.01
N GLN A 23 7.12 -19.38 25.17
CA GLN A 23 7.45 -20.37 26.20
C GLN A 23 7.24 -21.79 25.69
N ASN A 24 6.22 -22.01 24.87
CA ASN A 24 5.97 -23.34 24.34
C ASN A 24 7.13 -23.82 23.49
N MET A 25 7.71 -22.94 22.67
CA MET A 25 8.89 -23.30 21.90
C MET A 25 10.08 -23.57 22.81
N ILE A 26 10.20 -22.80 23.90
CA ILE A 26 11.25 -23.05 24.88
C ILE A 26 11.15 -24.46 25.43
N GLY A 27 9.93 -24.91 25.71
CA GLY A 27 9.75 -26.28 26.18
C GLY A 27 9.94 -27.32 25.09
N MET A 28 9.58 -26.98 23.85
CA MET A 28 9.65 -27.95 22.76
C MET A 28 11.09 -28.23 22.33
N THR A 29 11.94 -27.20 22.31
CA THR A 29 13.30 -27.30 21.80
C THR A 29 14.10 -28.47 22.37
N PRO A 30 14.25 -28.58 23.70
CA PRO A 30 15.13 -29.64 24.22
C PRO A 30 14.63 -31.03 23.94
N THR A 31 13.31 -31.26 23.99
CA THR A 31 12.78 -32.58 23.72
C THR A 31 13.04 -33.00 22.27
N VAL A 32 12.77 -32.08 21.32
CA VAL A 32 13.01 -32.37 19.91
C VAL A 32 14.48 -32.69 19.68
N ILE A 33 15.38 -31.83 20.18
CA ILE A 33 16.79 -32.05 19.88
C ILE A 33 17.32 -33.28 20.61
N ALA A 34 16.75 -33.62 21.78
CA ALA A 34 17.20 -34.80 22.50
C ALA A 34 16.77 -36.08 21.79
N VAL A 35 15.53 -36.12 21.30
CA VAL A 35 15.11 -37.28 20.51
C VAL A 35 15.94 -37.39 19.24
N HIS A 36 16.25 -36.24 18.61
CA HIS A 36 17.10 -36.24 17.42
C HIS A 36 18.46 -36.87 17.72
N TYR A 37 19.13 -36.39 18.77
CA TYR A 37 20.47 -36.87 19.08
C TYR A 37 20.45 -38.33 19.52
N LEU A 38 19.44 -38.73 20.29
CA LEU A 38 19.37 -40.12 20.75
C LEU A 38 19.04 -41.07 19.61
N ASP A 39 18.28 -40.61 18.61
CA ASP A 39 18.06 -41.41 17.42
C ASP A 39 19.35 -41.55 16.63
N GLU A 40 20.07 -40.44 16.43
CA GLU A 40 21.30 -40.51 15.64
C GLU A 40 22.36 -41.39 16.30
N THR A 41 22.45 -41.34 17.64
CA THR A 41 23.45 -42.12 18.35
C THR A 41 22.96 -43.50 18.74
N GLU A 42 21.69 -43.81 18.48
CA GLU A 42 21.13 -45.14 18.74
C GLU A 42 21.33 -45.56 20.19
N GLN A 43 20.93 -44.68 21.11
CA GLN A 43 21.08 -44.93 22.53
C GLN A 43 19.77 -45.34 23.20
N TRP A 44 18.69 -45.47 22.44
CA TRP A 44 17.39 -45.77 23.04
C TRP A 44 17.34 -47.17 23.63
N GLU A 45 18.18 -48.09 23.16
CA GLU A 45 18.18 -49.44 23.68
C GLU A 45 18.66 -49.48 25.13
N LYS A 46 19.81 -48.86 25.40
CA LYS A 46 20.33 -48.83 26.76
C LYS A 46 19.61 -47.82 27.63
N PHE A 47 19.04 -46.78 27.03
CA PHE A 47 18.38 -45.73 27.81
C PHE A 47 16.94 -46.09 28.14
N GLY A 48 16.27 -46.84 27.28
CA GLY A 48 14.88 -47.17 27.49
C GLY A 48 14.02 -46.85 26.29
N LEU A 49 13.64 -47.87 25.52
CA LEU A 49 12.86 -47.66 24.30
C LEU A 49 11.47 -47.13 24.63
N GLU A 50 10.86 -47.66 25.70
CA GLU A 50 9.51 -47.25 26.08
C GLU A 50 9.42 -45.75 26.32
N LYS A 51 10.51 -45.12 26.74
CA LYS A 51 10.48 -43.68 26.96
C LYS A 51 10.33 -42.91 25.66
N ARG A 52 10.91 -43.41 24.57
CA ARG A 52 10.93 -42.66 23.31
C ARG A 52 9.51 -42.25 22.90
N GLN A 53 8.60 -43.22 22.82
CA GLN A 53 7.21 -42.91 22.48
C GLN A 53 6.68 -41.77 23.34
N GLY A 54 6.90 -41.86 24.65
CA GLY A 54 6.48 -40.77 25.52
C GLY A 54 6.99 -39.42 25.06
N ALA A 55 8.30 -39.33 24.82
CA ALA A 55 8.88 -38.09 24.33
C ALA A 55 8.18 -37.63 23.06
N LEU A 56 7.90 -38.56 22.14
CA LEU A 56 7.21 -38.21 20.92
C LEU A 56 5.89 -37.52 21.22
N GLU A 57 5.11 -38.10 22.14
CA GLU A 57 3.86 -37.45 22.55
C GLU A 57 4.11 -36.02 22.97
N LEU A 58 5.11 -35.83 23.85
CA LEU A 58 5.46 -34.48 24.28
C LEU A 58 5.69 -33.58 23.07
N ILE A 59 6.52 -34.05 22.13
CA ILE A 59 6.77 -33.26 20.92
C ILE A 59 5.45 -32.90 20.24
N LYS A 60 4.61 -33.92 20.01
CA LYS A 60 3.32 -33.67 19.38
C LYS A 60 2.55 -32.62 20.16
N LYS A 61 2.51 -32.77 21.49
CA LYS A 61 1.87 -31.78 22.34
C LYS A 61 2.37 -30.38 21.97
N GLY A 62 3.69 -30.18 22.05
CA GLY A 62 4.25 -28.91 21.67
C GLY A 62 3.75 -28.43 20.32
N TYR A 63 3.87 -29.30 19.31
CA TYR A 63 3.44 -28.92 17.97
C TYR A 63 2.00 -28.43 17.99
N THR A 64 1.11 -29.25 18.57
CA THR A 64 -0.30 -28.87 18.58
C THR A 64 -0.48 -27.53 19.25
N GLN A 65 0.16 -27.34 20.41
CA GLN A 65 -0.03 -26.10 21.14
C GLN A 65 0.49 -24.91 20.34
N GLN A 66 1.59 -25.12 19.61
CA GLN A 66 2.15 -24.01 18.84
C GLN A 66 1.20 -23.57 17.75
N LEU A 67 0.37 -24.49 17.23
CA LEU A 67 -0.59 -24.09 16.20
C LEU A 67 -1.63 -23.13 16.74
N ALA A 68 -1.84 -23.11 18.06
CA ALA A 68 -2.77 -22.13 18.64
C ALA A 68 -2.22 -20.71 18.58
N PHE A 69 -0.96 -20.54 18.19
CA PHE A 69 -0.37 -19.21 18.06
C PHE A 69 0.06 -18.92 16.64
N ARG A 70 -0.34 -19.76 15.68
CA ARG A 70 -0.14 -19.47 14.26
C ARG A 70 -1.21 -18.48 13.82
N GLN A 71 -0.80 -17.27 13.48
CA GLN A 71 -1.74 -16.23 13.09
C GLN A 71 -2.24 -16.51 11.67
N PRO A 72 -3.36 -15.87 11.27
CA PRO A 72 -3.92 -16.13 9.93
C PRO A 72 -2.93 -15.89 8.80
N SER A 73 -1.93 -15.05 9.05
CA SER A 73 -0.89 -14.80 8.06
C SER A 73 0.13 -15.92 7.97
N SER A 74 -0.01 -16.97 8.80
CA SER A 74 0.92 -18.09 8.97
C SER A 74 2.15 -17.68 9.77
N ALA A 75 2.15 -16.50 10.38
CA ALA A 75 3.27 -16.07 11.20
C ALA A 75 2.99 -16.37 12.67
N PHE A 76 4.01 -16.21 13.50
CA PHE A 76 3.94 -16.57 14.91
C PHE A 76 4.35 -15.40 15.79
N ALA A 77 3.70 -15.30 16.95
CA ALA A 77 4.09 -14.38 18.01
C ALA A 77 3.73 -15.02 19.35
N ALA A 78 4.17 -14.39 20.43
CA ALA A 78 3.89 -14.94 21.76
C ALA A 78 2.40 -15.04 22.01
N PHE A 79 1.63 -14.06 21.53
CA PHE A 79 0.18 -14.07 21.61
C PHE A 79 -0.39 -13.65 20.26
N VAL A 80 -1.58 -14.17 19.95
CA VAL A 80 -2.18 -13.87 18.65
C VAL A 80 -2.55 -12.40 18.51
N LYS A 81 -2.68 -11.68 19.62
CA LYS A 81 -2.92 -10.24 19.58
C LYS A 81 -1.64 -9.43 19.36
N ARG A 82 -0.48 -10.07 19.41
CA ARG A 82 0.80 -9.39 19.28
C ARG A 82 1.27 -9.40 17.84
N ALA A 83 2.04 -8.37 17.47
CA ALA A 83 2.60 -8.30 16.14
C ALA A 83 3.56 -9.48 15.93
N PRO A 84 3.53 -10.12 14.76
CA PRO A 84 4.34 -11.32 14.56
C PRO A 84 5.83 -11.01 14.52
N SER A 85 6.61 -11.95 15.05
CA SER A 85 8.05 -11.82 15.13
C SER A 85 8.72 -12.55 13.97
N THR A 86 9.66 -11.88 13.32
CA THR A 86 10.46 -12.53 12.28
C THR A 86 11.27 -13.68 12.87
N TRP A 87 11.96 -13.41 13.98
CA TRP A 87 12.83 -14.42 14.58
C TRP A 87 12.03 -15.63 15.03
N LEU A 88 10.89 -15.40 15.69
CA LEU A 88 10.12 -16.53 16.22
C LEU A 88 9.56 -17.39 15.10
N THR A 89 9.11 -16.77 14.01
CA THR A 89 8.62 -17.53 12.87
C THR A 89 9.74 -18.35 12.25
N ALA A 90 10.91 -17.74 12.07
CA ALA A 90 12.04 -18.48 11.51
C ALA A 90 12.46 -19.62 12.43
N TYR A 91 12.38 -19.42 13.75
CA TYR A 91 12.78 -20.46 14.68
C TYR A 91 11.77 -21.60 14.71
N VAL A 92 10.48 -21.27 14.58
CA VAL A 92 9.46 -22.31 14.44
C VAL A 92 9.73 -23.13 13.20
N VAL A 93 10.07 -22.46 12.09
CA VAL A 93 10.39 -23.18 10.86
C VAL A 93 11.58 -24.11 11.08
N LYS A 94 12.61 -23.60 11.76
CA LYS A 94 13.81 -24.39 12.04
C LYS A 94 13.49 -25.65 12.84
N VAL A 95 12.80 -25.47 13.97
CA VAL A 95 12.48 -26.59 14.85
C VAL A 95 11.58 -27.60 14.14
N PHE A 96 10.56 -27.11 13.42
CA PHE A 96 9.62 -28.03 12.77
C PHE A 96 10.28 -28.77 11.61
N SER A 97 11.17 -28.09 10.88
CA SER A 97 11.91 -28.75 9.81
C SER A 97 12.78 -29.86 10.37
N LEU A 98 13.39 -29.64 11.53
CA LEU A 98 14.13 -30.73 12.15
C LEU A 98 13.20 -31.83 12.65
N ALA A 99 11.99 -31.47 13.10
CA ALA A 99 11.09 -32.43 13.72
C ALA A 99 10.29 -33.25 12.73
N VAL A 100 10.29 -32.88 11.44
CA VAL A 100 9.48 -33.58 10.45
C VAL A 100 9.76 -35.08 10.44
N ASN A 101 10.97 -35.50 10.85
CA ASN A 101 11.30 -36.91 10.87
C ASN A 101 10.78 -37.63 12.11
N LEU A 102 10.45 -36.89 13.18
CA LEU A 102 10.00 -37.50 14.42
C LEU A 102 8.49 -37.63 14.50
N ILE A 103 7.76 -36.59 14.11
CA ILE A 103 6.31 -36.56 14.17
C ILE A 103 5.78 -36.01 12.84
N ALA A 104 4.46 -36.01 12.70
CA ALA A 104 3.82 -35.48 11.50
C ALA A 104 3.76 -33.96 11.57
N ILE A 105 4.44 -33.30 10.64
CA ILE A 105 4.46 -31.84 10.56
C ILE A 105 3.70 -31.43 9.30
N ASP A 106 2.71 -30.57 9.47
CA ASP A 106 1.89 -30.13 8.33
C ASP A 106 2.71 -29.21 7.43
N SER A 107 2.90 -29.63 6.19
CA SER A 107 3.65 -28.80 5.23
C SER A 107 2.94 -27.47 4.98
N GLN A 108 1.61 -27.45 5.12
CA GLN A 108 0.87 -26.20 4.98
C GLN A 108 1.40 -25.15 5.94
N VAL A 109 1.55 -25.50 7.22
CA VAL A 109 1.99 -24.55 8.23
C VAL A 109 3.43 -24.12 7.96
N LEU A 110 4.32 -25.09 7.75
CA LEU A 110 5.74 -24.79 7.53
C LEU A 110 5.94 -23.87 6.33
N CYS A 111 5.33 -24.23 5.20
CA CYS A 111 5.53 -23.47 3.98
C CYS A 111 4.78 -22.14 4.02
N GLY A 112 3.68 -22.06 4.76
CA GLY A 112 3.04 -20.77 4.95
C GLY A 112 3.90 -19.82 5.75
N ALA A 113 4.57 -20.32 6.79
CA ALA A 113 5.48 -19.48 7.56
C ALA A 113 6.67 -19.05 6.69
N VAL A 114 7.21 -19.98 5.89
CA VAL A 114 8.31 -19.63 4.98
C VAL A 114 7.87 -18.54 4.01
N LYS A 115 6.67 -18.69 3.44
CA LYS A 115 6.17 -17.71 2.48
C LYS A 115 5.93 -16.36 3.13
N TRP A 116 5.44 -16.35 4.37
CA TRP A 116 5.27 -15.09 5.08
C TRP A 116 6.61 -14.40 5.30
N LEU A 117 7.62 -15.16 5.72
CA LEU A 117 8.96 -14.60 5.86
C LEU A 117 9.45 -14.01 4.55
N ILE A 118 9.21 -14.70 3.44
CA ILE A 118 9.73 -14.23 2.15
C ILE A 118 9.00 -12.98 1.70
N LEU A 119 7.67 -12.95 1.84
CA LEU A 119 6.86 -11.88 1.27
C LEU A 119 6.77 -10.65 2.17
N GLU A 120 7.01 -10.78 3.46
CA GLU A 120 6.79 -9.67 4.39
C GLU A 120 8.05 -9.10 5.02
N LYS A 121 9.05 -9.94 5.31
CA LYS A 121 10.17 -9.52 6.14
C LYS A 121 11.51 -9.49 5.44
N GLN A 122 11.58 -9.79 4.15
CA GLN A 122 12.83 -9.66 3.41
C GLN A 122 12.87 -8.30 2.72
N LYS A 123 13.97 -7.58 2.93
CA LYS A 123 14.16 -6.26 2.35
C LYS A 123 14.63 -6.37 0.90
N PRO A 124 14.50 -5.30 0.12
CA PRO A 124 14.86 -5.38 -1.32
C PRO A 124 16.31 -5.76 -1.60
N ASP A 125 17.20 -5.74 -0.60
CA ASP A 125 18.58 -6.14 -0.79
C ASP A 125 18.91 -7.49 -0.14
N GLY A 126 17.88 -8.25 0.24
CA GLY A 126 18.07 -9.57 0.80
C GLY A 126 18.07 -9.62 2.32
N VAL A 127 18.04 -8.48 3.00
CA VAL A 127 18.09 -8.46 4.45
C VAL A 127 16.75 -8.89 5.02
N PHE A 128 16.78 -9.69 6.08
CA PHE A 128 15.60 -10.03 6.86
C PHE A 128 15.56 -9.15 8.09
N GLN A 129 14.39 -8.57 8.36
CA GLN A 129 14.24 -7.54 9.37
C GLN A 129 13.22 -7.96 10.43
N GLU A 130 13.51 -7.62 11.68
CA GLU A 130 12.62 -7.90 12.81
C GLU A 130 11.86 -6.63 13.16
N ASP A 131 10.53 -6.70 13.13
CA ASP A 131 9.67 -5.56 13.44
C ASP A 131 8.95 -5.71 14.78
N ALA A 132 8.99 -6.88 15.40
CA ALA A 132 8.37 -7.09 16.71
C ALA A 132 9.20 -8.12 17.46
N PRO A 133 10.23 -7.68 18.18
CA PRO A 133 11.14 -8.64 18.83
C PRO A 133 10.42 -9.49 19.86
N VAL A 134 10.97 -10.68 20.10
CA VAL A 134 10.39 -11.59 21.07
C VAL A 134 10.50 -11.01 22.47
N ILE A 135 9.61 -11.45 23.36
CA ILE A 135 9.69 -11.04 24.75
C ILE A 135 10.80 -11.79 25.46
N HIS A 136 10.91 -13.10 25.23
CA HIS A 136 11.96 -13.92 25.83
C HIS A 136 13.26 -13.67 25.06
N GLN A 137 13.92 -12.54 25.38
CA GLN A 137 15.17 -12.20 24.72
C GLN A 137 16.28 -13.20 25.02
N GLU A 138 16.08 -14.05 26.03
CA GLU A 138 17.08 -15.04 26.39
C GLU A 138 17.00 -16.32 25.55
N MET A 139 15.95 -16.48 24.75
CA MET A 139 15.81 -17.67 23.90
C MET A 139 16.45 -17.52 22.54
N ILE A 140 16.96 -16.33 22.19
CA ILE A 140 17.52 -16.09 20.87
C ILE A 140 19.05 -16.19 20.86
N GLY A 141 19.67 -16.53 21.98
CA GLY A 141 21.10 -16.76 22.00
C GLY A 141 21.89 -15.52 21.64
N GLY A 142 22.98 -15.74 20.88
CA GLY A 142 23.89 -14.67 20.52
C GLY A 142 23.26 -13.56 19.71
N LEU A 143 22.04 -13.75 19.22
CA LEU A 143 21.32 -12.67 18.55
C LEU A 143 20.97 -11.54 19.50
N ARG A 144 20.94 -11.80 20.82
CA ARG A 144 20.55 -10.76 21.77
C ARG A 144 21.48 -9.56 21.70
N ASN A 145 22.76 -9.78 21.43
CA ASN A 145 23.69 -8.69 21.15
C ASN A 145 23.37 -8.11 19.77
N ASN A 146 22.78 -6.91 19.74
CA ASN A 146 22.26 -6.33 18.51
C ASN A 146 23.35 -5.83 17.57
N ASN A 147 24.64 -5.99 17.89
CA ASN A 147 25.69 -5.60 16.96
C ASN A 147 25.72 -6.56 15.79
N GLU A 148 25.86 -6.01 14.58
CA GLU A 148 25.82 -6.78 13.34
C GLU A 148 24.50 -7.56 13.23
N LYS A 149 23.39 -6.87 13.54
CA LYS A 149 22.11 -7.57 13.63
C LYS A 149 21.56 -7.91 12.26
N ASP A 150 21.82 -7.07 11.24
CA ASP A 150 21.34 -7.39 9.90
C ASP A 150 21.94 -8.71 9.40
N MET A 151 23.27 -8.81 9.44
CA MET A 151 23.94 -10.03 8.99
C MET A 151 23.51 -11.24 9.81
N ALA A 152 23.45 -11.10 11.13
CA ALA A 152 23.17 -12.25 12.00
C ALA A 152 21.74 -12.74 11.82
N LEU A 153 20.77 -11.82 11.81
CA LEU A 153 19.37 -12.22 11.62
C LEU A 153 19.15 -12.76 10.21
N THR A 154 19.80 -12.16 9.20
CA THR A 154 19.68 -12.68 7.85
C THR A 154 20.22 -14.10 7.75
N ALA A 155 21.37 -14.36 8.39
CA ALA A 155 21.93 -15.71 8.40
C ALA A 155 21.00 -16.68 9.10
N PHE A 156 20.43 -16.28 10.24
CA PHE A 156 19.51 -17.14 10.98
C PHE A 156 18.30 -17.51 10.13
N VAL A 157 17.65 -16.51 9.54
CA VAL A 157 16.46 -16.75 8.73
C VAL A 157 16.81 -17.55 7.48
N LEU A 158 17.98 -17.31 6.90
CA LEU A 158 18.38 -18.04 5.70
C LEU A 158 18.65 -19.50 6.02
N ILE A 159 19.25 -19.78 7.18
CA ILE A 159 19.42 -21.18 7.61
C ILE A 159 18.07 -21.84 7.77
N SER A 160 17.11 -21.13 8.37
CA SER A 160 15.76 -21.69 8.48
C SER A 160 15.17 -21.99 7.12
N LEU A 161 15.35 -21.08 6.15
CA LEU A 161 14.81 -21.28 4.81
C LEU A 161 15.45 -22.48 4.13
N GLN A 162 16.77 -22.65 4.31
CA GLN A 162 17.47 -23.73 3.64
C GLN A 162 17.18 -25.08 4.28
N GLU A 163 16.85 -25.12 5.57
CA GLU A 163 16.49 -26.38 6.20
C GLU A 163 15.07 -26.81 5.87
N ALA A 164 14.23 -25.90 5.40
CA ALA A 164 12.87 -26.21 4.99
C ALA A 164 12.74 -26.33 3.47
N LYS A 165 13.85 -26.28 2.74
CA LYS A 165 13.81 -26.20 1.29
C LYS A 165 13.23 -27.48 0.67
N ASP A 166 13.53 -28.64 1.25
CA ASP A 166 13.03 -29.89 0.67
C ASP A 166 11.52 -30.00 0.82
N ILE A 167 10.97 -29.56 1.94
CA ILE A 167 9.53 -29.68 2.17
C ILE A 167 8.76 -28.64 1.36
N CYS A 168 9.33 -27.44 1.19
CA CYS A 168 8.57 -26.30 0.70
C CYS A 168 8.92 -25.87 -0.73
N GLU A 169 9.91 -26.51 -1.36
CA GLU A 169 10.34 -26.08 -2.69
C GLU A 169 9.19 -26.08 -3.68
N GLU A 170 8.44 -27.19 -3.74
CA GLU A 170 7.36 -27.31 -4.71
C GLU A 170 6.19 -26.40 -4.39
N GLN A 171 6.08 -25.91 -3.15
CA GLN A 171 4.96 -25.09 -2.73
C GLN A 171 5.22 -23.60 -2.81
N VAL A 172 6.46 -23.17 -2.57
CA VAL A 172 6.81 -21.75 -2.48
C VAL A 172 7.72 -21.44 -3.67
N ASN A 173 7.13 -20.88 -4.73
CA ASN A 173 7.89 -20.60 -5.95
C ASN A 173 8.93 -19.49 -5.75
N SER A 174 8.72 -18.62 -4.77
CA SER A 174 9.63 -17.50 -4.52
C SER A 174 10.78 -17.87 -3.58
N LEU A 175 10.91 -19.14 -3.20
CA LEU A 175 11.90 -19.51 -2.19
C LEU A 175 13.33 -19.48 -2.71
N PRO A 176 13.66 -20.07 -3.87
CA PRO A 176 15.07 -20.02 -4.32
C PRO A 176 15.56 -18.60 -4.55
N GLY A 177 14.74 -17.72 -5.12
CA GLY A 177 15.17 -16.34 -5.33
C GLY A 177 15.43 -15.61 -4.03
N SER A 178 14.58 -15.84 -3.02
CA SER A 178 14.80 -15.22 -1.72
C SER A 178 16.07 -15.73 -1.06
N ILE A 179 16.30 -17.04 -1.14
CA ILE A 179 17.54 -17.62 -0.62
C ILE A 179 18.75 -16.99 -1.32
N THR A 180 18.65 -16.81 -2.64
CA THR A 180 19.75 -16.22 -3.40
C THR A 180 19.99 -14.77 -2.99
N LYS A 181 18.93 -14.00 -2.76
CA LYS A 181 19.10 -12.61 -2.34
C LYS A 181 19.77 -12.53 -0.97
N ALA A 182 19.30 -13.34 -0.02
CA ALA A 182 19.92 -13.35 1.29
C ALA A 182 21.39 -13.75 1.22
N GLY A 183 21.70 -14.76 0.40
CA GLY A 183 23.09 -15.18 0.23
C GLY A 183 23.94 -14.10 -0.41
N ASP A 184 23.37 -13.36 -1.35
CA ASP A 184 24.09 -12.25 -1.97
C ASP A 184 24.45 -11.19 -0.94
N PHE A 185 23.50 -10.83 -0.08
CA PHE A 185 23.79 -9.85 0.97
C PHE A 185 24.88 -10.36 1.92
N LEU A 186 24.74 -11.59 2.38
CA LEU A 186 25.73 -12.16 3.29
C LEU A 186 27.11 -12.19 2.65
N GLU A 187 27.19 -12.59 1.38
CA GLU A 187 28.47 -12.69 0.71
C GLU A 187 29.08 -11.31 0.48
N ALA A 188 28.25 -10.30 0.21
CA ALA A 188 28.78 -8.97 -0.01
C ALA A 188 29.30 -8.34 1.26
N ASN A 189 28.73 -8.69 2.42
CA ASN A 189 29.14 -8.05 3.67
C ASN A 189 29.92 -8.97 4.61
N TYR A 190 30.30 -10.17 4.16
CA TYR A 190 30.97 -11.11 5.06
C TYR A 190 32.33 -10.60 5.53
N MET A 191 33.17 -10.16 4.60
CA MET A 191 34.56 -9.83 4.95
C MET A 191 34.67 -8.69 5.95
N ASN A 192 33.64 -7.85 6.06
CA ASN A 192 33.65 -6.73 7.00
C ASN A 192 33.16 -7.13 8.38
N LEU A 193 32.91 -8.41 8.63
CA LEU A 193 32.43 -8.85 9.93
C LEU A 193 33.56 -8.79 10.97
N GLN A 194 33.15 -8.59 12.22
CA GLN A 194 34.11 -8.55 13.33
C GLN A 194 33.74 -9.46 14.49
N ARG A 195 32.50 -9.93 14.59
CA ARG A 195 32.08 -10.84 15.64
C ARG A 195 32.31 -12.28 15.21
N SER A 196 32.94 -13.07 16.08
CA SER A 196 33.12 -14.49 15.79
C SER A 196 31.77 -15.20 15.65
N TYR A 197 30.77 -14.76 16.43
CA TYR A 197 29.44 -15.36 16.36
C TYR A 197 28.82 -15.15 14.97
N THR A 198 28.82 -13.91 14.49
CA THR A 198 28.26 -13.64 13.18
C THR A 198 29.06 -14.33 12.09
N VAL A 199 30.39 -14.35 12.23
CA VAL A 199 31.23 -15.07 11.27
C VAL A 199 30.79 -16.52 11.17
N ALA A 200 30.59 -17.17 12.32
CA ALA A 200 30.22 -18.58 12.34
C ALA A 200 28.83 -18.80 11.73
N ILE A 201 27.84 -18.01 12.13
CA ILE A 201 26.48 -18.28 11.68
C ILE A 201 26.33 -17.95 10.19
N ALA A 202 26.89 -16.82 9.75
CA ALA A 202 26.84 -16.49 8.34
C ALA A 202 27.69 -17.46 7.52
N GLY A 203 28.74 -18.03 8.12
CA GLY A 203 29.53 -19.03 7.41
C GLY A 203 28.77 -20.31 7.21
N TYR A 204 27.99 -20.73 8.21
CA TYR A 204 27.11 -21.87 8.00
C TYR A 204 26.08 -21.58 6.91
N ALA A 205 25.47 -20.40 6.96
CA ALA A 205 24.48 -20.04 5.94
C ALA A 205 25.10 -20.05 4.54
N LEU A 206 26.35 -19.56 4.41
CA LEU A 206 27.00 -19.50 3.11
C LEU A 206 27.51 -20.87 2.67
N ALA A 207 27.93 -21.72 3.61
CA ALA A 207 28.40 -23.05 3.25
C ALA A 207 27.26 -23.94 2.81
N GLN A 208 26.07 -23.75 3.37
CA GLN A 208 24.91 -24.47 2.85
C GLN A 208 24.65 -24.16 1.38
N MET A 209 25.11 -23.00 0.90
CA MET A 209 24.90 -22.56 -0.47
C MET A 209 26.10 -22.83 -1.37
N GLY A 210 27.20 -23.34 -0.82
CA GLY A 210 28.42 -23.44 -1.60
C GLY A 210 29.05 -22.10 -1.90
N ARG A 211 28.87 -21.11 -1.03
CA ARG A 211 29.38 -19.77 -1.23
C ARG A 211 30.48 -19.39 -0.27
N LEU A 212 30.80 -20.26 0.69
CA LEU A 212 31.92 -20.01 1.61
C LEU A 212 33.19 -20.51 0.94
N LYS A 213 33.91 -19.61 0.28
CA LYS A 213 35.07 -19.98 -0.50
C LYS A 213 36.05 -18.82 -0.54
N GLY A 214 37.29 -19.14 -0.89
CA GLY A 214 38.33 -18.14 -1.07
C GLY A 214 38.63 -17.35 0.19
N PRO A 215 38.69 -16.03 0.07
CA PRO A 215 38.96 -15.20 1.26
C PRO A 215 37.87 -15.29 2.31
N LEU A 216 36.62 -15.54 1.91
CA LEU A 216 35.55 -15.74 2.88
C LEU A 216 35.81 -17.00 3.72
N LEU A 217 36.19 -18.09 3.06
CA LEU A 217 36.54 -19.31 3.77
C LEU A 217 37.76 -19.10 4.67
N ASN A 218 38.76 -18.38 4.16
CA ASN A 218 39.96 -18.14 4.97
C ASN A 218 39.63 -17.30 6.21
N LYS A 219 38.76 -16.31 6.06
CA LYS A 219 38.35 -15.51 7.21
C LYS A 219 37.55 -16.34 8.21
N PHE A 220 36.66 -17.20 7.71
CA PHE A 220 35.90 -18.08 8.60
C PHE A 220 36.84 -18.99 9.39
N LEU A 221 37.84 -19.54 8.72
CA LEU A 221 38.73 -20.50 9.39
C LEU A 221 39.68 -19.81 10.35
N THR A 222 40.26 -18.68 9.95
CA THR A 222 41.21 -17.95 10.78
C THR A 222 40.54 -17.15 11.89
N THR A 223 39.21 -17.10 11.93
CA THR A 223 38.51 -16.45 13.03
C THR A 223 38.45 -17.33 14.28
N ALA A 224 38.59 -18.64 14.12
CA ALA A 224 38.56 -19.54 15.26
C ALA A 224 39.78 -19.31 16.16
N LYS A 225 39.56 -19.42 17.47
CA LYS A 225 40.62 -19.28 18.45
C LYS A 225 41.21 -20.65 18.75
N ASP A 226 42.52 -20.79 18.57
CA ASP A 226 43.24 -22.05 18.79
C ASP A 226 42.72 -23.18 17.90
N LYS A 227 41.99 -22.83 16.84
CA LYS A 227 41.55 -23.79 15.82
C LYS A 227 40.59 -24.84 16.39
N ASN A 228 39.83 -24.47 17.43
CA ASN A 228 38.86 -25.39 18.00
C ASN A 228 37.59 -24.71 18.50
N ARG A 229 37.50 -23.38 18.45
CA ARG A 229 36.32 -22.70 18.97
C ARG A 229 36.19 -21.33 18.33
N TRP A 230 34.94 -20.87 18.23
CA TRP A 230 34.60 -19.52 17.80
C TRP A 230 34.04 -18.79 19.01
N GLU A 231 34.78 -17.81 19.52
CA GLU A 231 34.41 -17.17 20.78
C GLU A 231 34.53 -15.65 20.68
N ASP A 232 33.71 -14.98 21.47
CA ASP A 232 33.72 -13.54 21.66
C ASP A 232 33.66 -13.24 23.15
N PRO A 233 34.11 -12.07 23.58
CA PRO A 233 33.87 -11.66 24.97
C PRO A 233 32.39 -11.51 25.25
N GLY A 234 31.90 -12.24 26.24
CA GLY A 234 30.50 -12.22 26.59
C GLY A 234 30.10 -13.55 27.22
N LYS A 235 28.80 -13.85 27.13
CA LYS A 235 28.29 -15.10 27.67
C LYS A 235 28.93 -16.28 26.96
N GLN A 236 29.34 -17.29 27.75
CA GLN A 236 29.96 -18.47 27.18
C GLN A 236 28.98 -19.31 26.37
N LEU A 237 27.68 -19.22 26.69
CA LEU A 237 26.67 -19.92 25.91
C LEU A 237 26.67 -19.43 24.46
N TYR A 238 26.91 -18.14 24.25
CA TYR A 238 27.02 -17.62 22.90
C TYR A 238 28.19 -18.27 22.16
N ASN A 239 29.30 -18.48 22.86
CA ASN A 239 30.46 -19.13 22.25
C ASN A 239 30.14 -20.58 21.90
N VAL A 240 29.45 -21.29 22.79
CA VAL A 240 29.06 -22.67 22.50
C VAL A 240 28.18 -22.72 21.25
N GLU A 241 27.20 -21.80 21.18
CA GLU A 241 26.29 -21.79 20.03
C GLU A 241 27.03 -21.43 18.74
N ALA A 242 27.94 -20.45 18.79
CA ALA A 242 28.69 -20.07 17.60
C ALA A 242 29.58 -21.20 17.14
N THR A 243 30.24 -21.90 18.08
CA THR A 243 31.07 -23.04 17.70
C THR A 243 30.24 -24.18 17.13
N SER A 244 29.01 -24.35 17.59
CA SER A 244 28.13 -25.35 16.99
C SER A 244 27.79 -24.98 15.55
N TYR A 245 27.42 -23.72 15.32
CA TYR A 245 27.18 -23.26 13.96
C TYR A 245 28.41 -23.47 13.08
N ALA A 246 29.60 -23.19 13.60
CA ALA A 246 30.82 -23.34 12.82
C ALA A 246 31.14 -24.80 12.55
N LEU A 247 30.85 -25.69 13.50
CA LEU A 247 31.05 -27.12 13.26
C LEU A 247 30.11 -27.62 12.17
N LEU A 248 28.86 -27.14 12.17
CA LEU A 248 27.96 -27.48 11.08
C LEU A 248 28.47 -26.95 9.75
N ALA A 249 29.04 -25.73 9.76
CA ALA A 249 29.64 -25.18 8.54
C ALA A 249 30.77 -26.05 8.03
N LEU A 250 31.65 -26.48 8.93
CA LEU A 250 32.77 -27.33 8.53
C LEU A 250 32.29 -28.67 8.00
N LEU A 251 31.22 -29.22 8.61
CA LEU A 251 30.66 -30.47 8.11
C LEU A 251 30.08 -30.29 6.71
N GLN A 252 29.41 -29.16 6.47
CA GLN A 252 28.93 -28.86 5.13
C GLN A 252 30.07 -28.70 4.14
N LEU A 253 31.20 -28.16 4.59
CA LEU A 253 32.39 -28.04 3.76
C LEU A 253 33.16 -29.34 3.62
N LYS A 254 32.82 -30.36 4.42
CA LYS A 254 33.51 -31.65 4.42
C LYS A 254 35.00 -31.50 4.74
N ASP A 255 35.34 -30.51 5.57
CA ASP A 255 36.72 -30.33 6.03
C ASP A 255 36.93 -31.13 7.31
N PHE A 256 36.99 -32.45 7.13
CA PHE A 256 37.07 -33.36 8.27
C PHE A 256 38.41 -33.31 8.98
N ASP A 257 39.40 -32.60 8.43
CA ASP A 257 40.68 -32.44 9.12
C ASP A 257 40.64 -31.33 10.17
N PHE A 258 39.71 -30.39 10.04
CA PHE A 258 39.55 -29.30 10.99
C PHE A 258 38.58 -29.62 12.12
N VAL A 259 37.72 -30.62 11.92
CA VAL A 259 36.62 -30.95 12.84
C VAL A 259 37.10 -31.53 14.17
N PRO A 260 38.01 -32.50 14.20
CA PRO A 260 38.30 -33.23 15.46
C PRO A 260 38.61 -32.31 16.62
N PRO A 261 39.46 -31.28 16.47
CA PRO A 261 39.69 -30.39 17.62
C PRO A 261 38.45 -29.61 18.03
N VAL A 262 37.58 -29.24 17.08
CA VAL A 262 36.38 -28.51 17.42
C VAL A 262 35.43 -29.39 18.22
N VAL A 263 35.21 -30.63 17.77
CA VAL A 263 34.37 -31.56 18.52
C VAL A 263 35.00 -31.86 19.87
N ARG A 264 36.34 -31.92 19.92
CA ARG A 264 37.03 -32.12 21.20
C ARG A 264 36.70 -31.00 22.17
N TRP A 265 36.83 -29.75 21.72
CA TRP A 265 36.52 -28.61 22.59
C TRP A 265 35.06 -28.65 23.03
N LEU A 266 34.15 -28.96 22.11
CA LEU A 266 32.73 -29.02 22.46
C LEU A 266 32.47 -30.06 23.53
N ASN A 267 33.10 -31.24 23.41
CA ASN A 267 32.92 -32.28 24.41
C ASN A 267 33.57 -31.89 25.74
N GLU A 268 34.71 -31.18 25.69
CA GLU A 268 35.33 -30.71 26.91
C GLU A 268 34.48 -29.67 27.63
N GLN A 269 33.66 -28.92 26.88
CA GLN A 269 32.74 -27.99 27.51
C GLN A 269 31.77 -28.70 28.44
N ARG A 270 31.44 -29.96 28.14
CA ARG A 270 30.55 -30.77 28.97
C ARG A 270 29.22 -30.07 29.19
N TYR A 271 28.70 -29.44 28.15
CA TYR A 271 27.44 -28.72 28.21
C TYR A 271 26.31 -29.67 27.79
N TYR A 272 25.37 -29.89 28.70
CA TYR A 272 24.27 -30.83 28.48
C TYR A 272 22.93 -30.13 28.28
N GLY A 273 22.93 -28.81 28.06
CA GLY A 273 21.72 -28.10 27.71
C GLY A 273 20.73 -27.97 28.86
N GLY A 274 19.62 -27.32 28.57
CA GLY A 274 18.54 -27.14 29.53
C GLY A 274 18.75 -25.93 30.43
N GLY A 275 17.66 -25.34 30.92
CA GLY A 275 17.76 -24.20 31.80
C GLY A 275 17.38 -22.90 31.12
N TYR A 276 17.35 -21.85 31.94
CA TYR A 276 16.98 -20.53 31.47
C TYR A 276 18.04 -19.99 30.52
N GLY A 277 17.60 -19.45 29.39
CA GLY A 277 18.52 -18.89 28.41
C GLY A 277 19.33 -19.92 27.65
N SER A 278 18.88 -21.16 27.59
CA SER A 278 19.65 -22.24 27.00
C SER A 278 19.08 -22.75 25.68
N THR A 279 18.06 -22.08 25.13
CA THR A 279 17.36 -22.60 23.97
C THR A 279 18.29 -22.79 22.77
N GLN A 280 18.90 -21.70 22.32
CA GLN A 280 19.74 -21.76 21.13
C GLN A 280 20.92 -22.69 21.32
N ALA A 281 21.58 -22.61 22.47
CA ALA A 281 22.74 -23.47 22.72
C ALA A 281 22.34 -24.93 22.73
N THR A 282 21.27 -25.27 23.47
CA THR A 282 20.81 -26.65 23.54
C THR A 282 20.46 -27.19 22.16
N PHE A 283 19.72 -26.42 21.37
CA PHE A 283 19.34 -26.88 20.05
C PHE A 283 20.57 -27.07 19.16
N MET A 284 21.45 -26.06 19.12
CA MET A 284 22.50 -26.04 18.12
C MET A 284 23.64 -27.01 18.44
N VAL A 285 24.08 -27.08 19.71
CA VAL A 285 25.20 -27.95 20.02
C VAL A 285 24.85 -29.41 19.71
N PHE A 286 23.61 -29.80 19.97
CA PHE A 286 23.24 -31.19 19.75
C PHE A 286 22.80 -31.47 18.33
N GLN A 287 22.24 -30.49 17.61
CA GLN A 287 22.09 -30.65 16.17
C GLN A 287 23.45 -30.86 15.51
N ALA A 288 24.45 -30.06 15.90
CA ALA A 288 25.77 -30.17 15.31
C ALA A 288 26.44 -31.49 15.68
N LEU A 289 26.30 -31.93 16.93
CA LEU A 289 26.92 -33.18 17.34
C LEU A 289 26.24 -34.39 16.69
N ALA A 290 24.92 -34.33 16.51
CA ALA A 290 24.22 -35.38 15.79
C ALA A 290 24.67 -35.43 14.33
N GLN A 291 24.81 -34.25 13.70
CA GLN A 291 25.32 -34.22 12.34
C GLN A 291 26.74 -34.75 12.25
N TYR A 292 27.55 -34.51 13.29
CA TYR A 292 28.90 -35.07 13.31
C TYR A 292 28.87 -36.58 13.42
N GLN A 293 28.03 -37.13 14.29
CA GLN A 293 27.91 -38.58 14.41
C GLN A 293 27.40 -39.19 13.11
N LYS A 294 26.51 -38.49 12.41
CA LYS A 294 25.97 -38.98 11.16
C LYS A 294 27.06 -39.07 10.08
N ASP A 295 27.74 -37.95 9.82
CA ASP A 295 28.84 -37.93 8.87
C ASP A 295 30.12 -38.41 9.53
N ALA A 296 31.25 -37.79 9.16
CA ALA A 296 32.57 -38.00 9.75
C ALA A 296 33.11 -39.40 9.50
N PRO A 297 34.33 -39.52 8.96
CA PRO A 297 34.98 -40.83 8.74
C PRO A 297 35.21 -41.58 10.06
N ALA B 7 -15.46 -25.95 -19.45
CA ALA B 7 -15.43 -26.97 -18.40
C ALA B 7 -13.99 -27.41 -18.12
N GLU B 8 -13.05 -26.86 -18.87
CA GLU B 8 -11.65 -27.26 -18.75
C GLU B 8 -11.04 -26.70 -17.47
N LYS B 9 -10.29 -27.53 -16.76
CA LYS B 9 -9.64 -27.15 -15.53
C LYS B 9 -8.25 -26.58 -15.81
N CYS B 10 -7.78 -25.74 -14.89
CA CYS B 10 -6.49 -25.08 -15.03
C CYS B 10 -5.41 -25.79 -14.22
N GLY B 11 -4.18 -25.62 -14.66
CA GLY B 11 -3.03 -26.06 -13.91
C GLY B 11 -2.63 -25.01 -12.87
N PRO B 12 -1.40 -25.11 -12.37
CA PRO B 12 -0.95 -24.13 -11.38
C PRO B 12 -0.92 -22.73 -11.96
N PRO B 13 -1.21 -21.72 -11.15
CA PRO B 13 -1.23 -20.33 -11.63
C PRO B 13 0.17 -19.85 -11.97
N PRO B 14 0.29 -18.78 -12.77
CA PRO B 14 1.59 -18.40 -13.33
C PRO B 14 2.49 -17.78 -12.28
N PRO B 15 3.80 -17.77 -12.51
CA PRO B 15 4.73 -17.08 -11.61
C PRO B 15 4.89 -15.61 -11.97
N ILE B 16 5.15 -14.80 -10.94
CA ILE B 16 5.50 -13.41 -11.12
C ILE B 16 6.75 -13.12 -10.31
N ASP B 17 7.61 -12.27 -10.85
CA ASP B 17 8.87 -11.95 -10.17
C ASP B 17 8.59 -11.19 -8.88
N ASN B 18 9.28 -11.59 -7.81
CA ASN B 18 9.18 -10.95 -6.50
C ASN B 18 7.76 -10.99 -5.94
N GLY B 19 7.00 -12.00 -6.34
CA GLY B 19 5.63 -12.17 -5.86
C GLY B 19 5.27 -13.63 -5.78
N ASP B 20 4.15 -13.91 -5.12
CA ASP B 20 3.70 -15.29 -4.93
C ASP B 20 2.22 -15.28 -4.57
N ILE B 21 1.57 -16.43 -4.77
CA ILE B 21 0.18 -16.58 -4.39
C ILE B 21 0.08 -16.73 -2.87
N THR B 22 -1.09 -16.37 -2.33
CA THR B 22 -1.31 -16.33 -0.90
C THR B 22 -1.88 -17.63 -0.33
N SER B 23 -2.15 -18.62 -1.18
CA SER B 23 -2.81 -19.85 -0.75
C SER B 23 -1.92 -21.05 -1.03
N PHE B 24 -2.37 -22.21 -0.54
CA PHE B 24 -1.68 -23.47 -0.78
C PHE B 24 -1.75 -23.82 -2.27
N LEU B 25 -0.58 -24.00 -2.89
CA LEU B 25 -0.52 -24.22 -4.32
C LEU B 25 -1.07 -25.60 -4.68
N LEU B 26 -1.92 -25.64 -5.71
CA LEU B 26 -2.48 -26.87 -6.23
C LEU B 26 -2.01 -27.10 -7.66
N SER B 27 -2.21 -28.32 -8.14
CA SER B 27 -1.91 -28.68 -9.52
C SER B 27 -3.14 -28.71 -10.41
N VAL B 28 -4.33 -28.76 -9.83
CA VAL B 28 -5.59 -28.78 -10.59
C VAL B 28 -6.54 -27.79 -9.95
N TYR B 29 -7.07 -26.85 -10.75
CA TYR B 29 -8.03 -25.87 -10.28
C TYR B 29 -9.31 -25.98 -11.11
N ALA B 30 -10.46 -25.94 -10.44
CA ALA B 30 -11.73 -26.03 -11.12
C ALA B 30 -12.01 -24.73 -11.88
N PRO B 31 -12.79 -24.80 -12.96
CA PRO B 31 -13.20 -23.57 -13.65
C PRO B 31 -13.96 -22.65 -12.71
N GLY B 32 -13.61 -21.36 -12.76
CA GLY B 32 -14.16 -20.37 -11.87
C GLY B 32 -13.36 -20.13 -10.61
N SER B 33 -12.38 -20.97 -10.31
CA SER B 33 -11.53 -20.76 -9.15
C SER B 33 -10.69 -19.49 -9.34
N SER B 34 -10.19 -18.98 -8.22
CA SER B 34 -9.42 -17.75 -8.25
C SER B 34 -8.32 -17.82 -7.20
N VAL B 35 -7.21 -17.15 -7.48
CA VAL B 35 -6.13 -17.00 -6.52
C VAL B 35 -5.70 -15.54 -6.49
N GLU B 36 -5.01 -15.16 -5.41
CA GLU B 36 -4.57 -13.79 -5.21
C GLU B 36 -3.06 -13.77 -4.96
N TYR B 37 -2.43 -12.70 -5.43
CA TYR B 37 -0.98 -12.55 -5.35
C TYR B 37 -0.60 -11.50 -4.32
N GLN B 38 0.65 -11.59 -3.86
CA GLN B 38 1.26 -10.62 -2.98
C GLN B 38 2.72 -10.47 -3.37
N CYS B 39 3.21 -9.24 -3.40
CA CYS B 39 4.60 -8.96 -3.71
C CYS B 39 5.44 -8.91 -2.44
N GLN B 40 6.76 -9.00 -2.63
CA GLN B 40 7.68 -8.88 -1.52
C GLN B 40 7.59 -7.49 -0.89
N ASN B 41 8.23 -7.36 0.28
CA ASN B 41 8.21 -6.09 0.99
C ASN B 41 8.79 -4.97 0.14
N LEU B 42 8.07 -3.86 0.07
CA LEU B 42 8.39 -2.61 -0.62
C LEU B 42 8.16 -2.68 -2.13
N TYR B 43 7.93 -3.86 -2.71
CA TYR B 43 7.47 -3.94 -4.08
C TYR B 43 5.99 -3.59 -4.14
N GLN B 44 5.59 -2.91 -5.20
CA GLN B 44 4.21 -2.47 -5.33
C GLN B 44 3.43 -3.37 -6.28
N LEU B 45 2.20 -3.70 -5.90
CA LEU B 45 1.35 -4.54 -6.72
C LEU B 45 0.64 -3.69 -7.77
N GLU B 46 0.92 -3.94 -9.04
CA GLU B 46 0.30 -3.22 -10.15
C GLU B 46 -0.65 -4.15 -10.90
N GLY B 47 -1.88 -3.71 -11.09
CA GLY B 47 -2.92 -4.52 -11.69
C GLY B 47 -3.71 -5.29 -10.66
N ASN B 48 -4.76 -5.95 -11.15
CA ASN B 48 -5.61 -6.76 -10.28
C ASN B 48 -4.80 -7.86 -9.62
N ASN B 49 -4.83 -7.88 -8.28
CA ASN B 49 -4.09 -8.88 -7.53
C ASN B 49 -4.72 -10.27 -7.60
N GLN B 50 -5.94 -10.37 -8.11
CA GLN B 50 -6.65 -11.64 -8.21
C GLN B 50 -6.71 -12.08 -9.66
N ILE B 51 -6.50 -13.39 -9.89
CA ILE B 51 -6.68 -13.99 -11.20
C ILE B 51 -7.67 -15.15 -11.05
N THR B 52 -8.33 -15.46 -12.16
CA THR B 52 -9.43 -16.42 -12.20
C THR B 52 -9.18 -17.44 -13.31
N CYS B 53 -9.54 -18.69 -13.03
CA CYS B 53 -9.42 -19.78 -14.00
C CYS B 53 -10.66 -19.86 -14.87
N ARG B 54 -10.46 -19.85 -16.19
CA ARG B 54 -11.59 -19.91 -17.13
C ARG B 54 -11.16 -20.70 -18.36
N ASN B 55 -11.80 -21.86 -18.55
CA ASN B 55 -11.55 -22.74 -19.70
C ASN B 55 -10.05 -23.04 -19.85
N GLY B 56 -9.43 -23.46 -18.76
CA GLY B 56 -8.04 -23.88 -18.78
C GLY B 56 -7.01 -22.77 -18.73
N GLN B 57 -7.42 -21.50 -18.74
CA GLN B 57 -6.49 -20.39 -18.81
C GLN B 57 -6.67 -19.45 -17.62
N TRP B 58 -5.56 -18.99 -17.07
CA TRP B 58 -5.57 -17.99 -16.01
C TRP B 58 -5.55 -16.60 -16.64
N SER B 59 -6.25 -15.66 -16.00
CA SER B 59 -6.16 -14.27 -16.42
C SER B 59 -4.76 -13.72 -16.11
N GLU B 60 -4.45 -12.58 -16.69
CA GLU B 60 -3.10 -12.03 -16.57
C GLU B 60 -2.78 -11.71 -15.12
N PRO B 61 -1.64 -12.15 -14.60
CA PRO B 61 -1.30 -11.87 -13.21
C PRO B 61 -0.75 -10.46 -13.06
N PRO B 62 -0.78 -9.91 -11.84
CA PRO B 62 -0.27 -8.55 -11.64
C PRO B 62 1.26 -8.51 -11.67
N LYS B 63 1.79 -7.29 -11.71
CA LYS B 63 3.23 -7.07 -11.73
C LYS B 63 3.70 -6.55 -10.37
N CYS B 64 4.96 -6.83 -10.05
CA CYS B 64 5.60 -6.35 -8.82
C CYS B 64 6.58 -5.26 -9.20
N LEU B 65 6.14 -4.02 -9.09
CA LEU B 65 7.00 -2.87 -9.37
C LEU B 65 8.10 -2.77 -8.32
N ASP B 66 9.34 -2.57 -8.80
CA ASP B 66 10.56 -2.63 -8.02
C ASP B 66 10.73 -1.38 -7.16
N PRO B 67 11.22 -1.52 -5.94
CA PRO B 67 11.68 -0.37 -5.17
C PRO B 67 13.11 -0.02 -5.57
N CYS B 68 13.68 0.95 -4.87
CA CYS B 68 15.04 1.41 -5.07
C CYS B 68 15.81 1.26 -3.76
N VAL B 69 16.98 0.62 -3.84
CA VAL B 69 17.90 0.56 -2.72
C VAL B 69 18.99 1.59 -2.99
N ILE B 70 18.98 2.68 -2.21
CA ILE B 70 19.97 3.74 -2.33
C ILE B 70 21.13 3.36 -1.43
N SER B 71 22.21 2.89 -2.05
CA SER B 71 23.40 2.45 -1.35
C SER B 71 24.38 3.60 -1.16
N GLN B 72 25.28 3.43 -0.19
CA GLN B 72 26.32 4.43 0.04
C GLN B 72 27.34 4.41 -1.09
N GLU B 73 27.50 3.28 -1.77
CA GLU B 73 28.53 3.14 -2.81
C GLU B 73 28.25 4.07 -3.98
N ILE B 74 27.02 4.08 -4.48
CA ILE B 74 26.69 4.91 -5.64
C ILE B 74 26.75 6.39 -5.27
N MET B 75 26.35 6.72 -4.04
CA MET B 75 26.48 8.09 -3.56
C MET B 75 27.93 8.54 -3.51
N GLU B 76 28.80 7.68 -3.00
CA GLU B 76 30.23 7.98 -2.98
C GLU B 76 30.76 8.14 -4.39
N LYS B 77 30.26 7.33 -5.33
CA LYS B 77 30.64 7.50 -6.73
C LYS B 77 30.26 8.88 -7.24
N TYR B 78 29.07 9.36 -6.89
CA TYR B 78 28.61 10.66 -7.37
C TYR B 78 28.92 11.81 -6.39
N ASN B 79 29.52 11.51 -5.23
CA ASN B 79 29.84 12.52 -4.21
C ASN B 79 28.57 13.14 -3.63
N ILE B 80 27.62 12.29 -3.26
CA ILE B 80 26.32 12.74 -2.76
C ILE B 80 26.05 12.05 -1.42
N LYS B 81 25.04 12.57 -0.71
CA LYS B 81 24.55 11.94 0.50
C LYS B 81 23.09 12.33 0.69
N LEU B 82 22.42 11.62 1.59
CA LEU B 82 21.04 11.96 1.93
C LEU B 82 20.98 13.31 2.63
N LYS B 83 20.01 14.13 2.23
CA LYS B 83 19.88 15.48 2.78
C LYS B 83 19.41 15.43 4.23
N TRP B 84 18.19 14.94 4.47
CA TRP B 84 17.59 14.98 5.79
C TRP B 84 18.27 14.00 6.75
N THR B 85 17.98 12.71 6.59
CA THR B 85 18.50 11.71 7.50
C THR B 85 19.98 11.43 7.22
N ASN B 86 20.67 10.87 8.21
CA ASN B 86 22.08 10.58 8.13
C ASN B 86 22.39 9.10 7.90
N GLN B 87 21.40 8.30 7.52
CA GLN B 87 21.66 6.88 7.29
C GLN B 87 22.36 6.69 5.95
N GLN B 88 23.14 5.61 5.87
CA GLN B 88 23.96 5.33 4.70
C GLN B 88 23.28 4.42 3.69
N LYS B 89 22.08 3.92 3.99
CA LYS B 89 21.34 3.07 3.07
C LYS B 89 19.86 3.41 3.19
N LEU B 90 19.18 3.59 2.06
CA LEU B 90 17.77 3.92 2.05
C LEU B 90 16.99 2.93 1.23
N TYR B 91 15.77 2.66 1.67
CA TYR B 91 14.78 1.90 0.89
C TYR B 91 13.69 2.85 0.44
N SER B 92 13.37 2.83 -0.85
CA SER B 92 12.41 3.77 -1.41
C SER B 92 11.41 3.00 -2.27
N ARG B 93 10.13 3.12 -1.95
CA ARG B 93 9.11 2.56 -2.82
C ARG B 93 9.09 3.31 -4.15
N THR B 94 8.55 2.65 -5.17
CA THR B 94 8.39 3.33 -6.46
C THR B 94 7.42 4.49 -6.32
N GLY B 95 7.75 5.61 -6.95
CA GLY B 95 7.00 6.83 -6.79
C GLY B 95 7.44 7.69 -5.62
N ASP B 96 8.24 7.14 -4.70
CA ASP B 96 8.74 7.92 -3.57
C ASP B 96 9.80 8.92 -4.05
N ILE B 97 9.92 10.00 -3.29
CA ILE B 97 10.84 11.09 -3.63
C ILE B 97 11.96 11.12 -2.60
N VAL B 98 13.20 11.14 -3.09
CA VAL B 98 14.38 11.12 -2.25
C VAL B 98 15.18 12.39 -2.52
N GLU B 99 15.57 13.09 -1.47
CA GLU B 99 16.30 14.34 -1.57
C GLU B 99 17.76 14.13 -1.21
N PHE B 100 18.65 14.72 -2.01
CA PHE B 100 20.08 14.56 -1.86
C PHE B 100 20.74 15.92 -1.59
N VAL B 101 21.98 15.86 -1.07
CA VAL B 101 22.85 17.02 -0.99
C VAL B 101 24.27 16.58 -1.32
N CYS B 102 25.09 17.57 -1.71
CA CYS B 102 26.50 17.29 -1.96
C CYS B 102 27.19 16.86 -0.68
N LYS B 103 28.20 16.01 -0.82
CA LYS B 103 29.08 15.73 0.31
C LYS B 103 29.87 16.98 0.67
N SER B 104 30.33 17.03 1.91
CA SER B 104 31.06 18.20 2.39
C SER B 104 32.30 18.44 1.53
N GLY B 105 32.42 19.66 1.02
CA GLY B 105 33.51 20.01 0.13
C GLY B 105 33.22 19.82 -1.34
N TYR B 106 31.98 19.57 -1.72
CA TYR B 106 31.61 19.34 -3.11
C TYR B 106 30.52 20.31 -3.53
N HIS B 107 30.45 20.56 -4.84
CA HIS B 107 29.53 21.52 -5.43
C HIS B 107 28.79 20.89 -6.60
N PRO B 108 27.50 21.21 -6.79
CA PRO B 108 26.74 20.56 -7.85
C PRO B 108 27.28 20.86 -9.24
N THR B 109 27.32 19.82 -10.07
CA THR B 109 27.63 19.97 -11.48
C THR B 109 26.34 20.27 -12.24
N LYS B 110 26.42 20.34 -13.57
CA LYS B 110 25.21 20.20 -14.37
C LYS B 110 24.62 18.83 -14.10
N SER B 111 23.37 18.81 -13.62
CA SER B 111 22.86 17.58 -13.05
C SER B 111 21.33 17.60 -13.07
N HIS B 112 20.76 16.39 -12.99
CA HIS B 112 19.34 16.25 -12.71
C HIS B 112 19.05 16.78 -11.31
N SER B 113 17.77 16.96 -11.01
CA SER B 113 17.37 17.53 -9.74
C SER B 113 17.89 16.68 -8.58
N PHE B 114 18.34 17.36 -7.52
CA PHE B 114 18.74 16.67 -6.30
C PHE B 114 17.54 16.09 -5.55
N ARG B 115 16.34 16.46 -5.96
CA ARG B 115 15.10 15.84 -5.48
C ARG B 115 14.63 14.90 -6.59
N ALA B 116 14.88 13.60 -6.42
CA ALA B 116 14.71 12.62 -7.48
C ALA B 116 13.67 11.58 -7.09
N MET B 117 12.92 11.11 -8.08
CA MET B 117 11.85 10.14 -7.85
C MET B 117 12.31 8.74 -8.28
N CYS B 118 11.99 7.75 -7.46
CA CYS B 118 12.26 6.36 -7.78
C CYS B 118 11.09 5.77 -8.55
N GLN B 119 11.39 5.16 -9.70
CA GLN B 119 10.36 4.60 -10.58
C GLN B 119 10.78 3.20 -11.00
N ASN B 120 10.12 2.18 -10.45
CA ASN B 120 10.29 0.79 -10.88
C ASN B 120 11.76 0.37 -10.84
N GLY B 121 12.40 0.64 -9.71
CA GLY B 121 13.79 0.28 -9.54
C GLY B 121 14.78 1.20 -10.23
N LYS B 122 14.33 2.33 -10.75
CA LYS B 122 15.19 3.28 -11.46
C LYS B 122 15.17 4.61 -10.74
N LEU B 123 16.36 5.15 -10.46
CA LEU B 123 16.51 6.45 -9.82
C LEU B 123 17.67 7.17 -10.48
N VAL B 124 17.39 8.37 -11.00
CA VAL B 124 18.41 9.20 -11.65
C VAL B 124 19.08 10.04 -10.56
N TYR B 125 20.34 9.73 -10.27
CA TYR B 125 21.08 10.38 -9.21
C TYR B 125 21.65 11.72 -9.68
N PRO B 126 21.76 12.69 -8.77
CA PRO B 126 22.50 13.92 -9.07
C PRO B 126 23.98 13.70 -8.85
N SER B 127 24.77 14.74 -9.15
CA SER B 127 26.22 14.63 -9.09
C SER B 127 26.83 15.94 -8.62
N CYS B 128 27.91 15.84 -7.85
CA CYS B 128 28.70 16.98 -7.40
C CYS B 128 30.16 16.73 -7.74
N GLU B 129 30.94 17.80 -7.75
CA GLU B 129 32.37 17.72 -8.07
C GLU B 129 33.12 18.62 -7.08
N GLU B 130 34.37 18.93 -7.41
CA GLU B 130 35.27 19.68 -6.54
C GLU B 130 35.47 18.96 -5.21
N SER C 4 -24.41 12.55 21.19
CA SER C 4 -22.98 12.44 20.98
C SER C 4 -22.54 10.98 20.89
N THR C 5 -21.94 10.61 19.75
CA THR C 5 -21.49 9.25 19.54
C THR C 5 -20.24 8.98 20.39
N ASP C 6 -20.26 7.87 21.12
CA ASP C 6 -19.16 7.54 22.01
C ASP C 6 -17.90 7.23 21.21
N ALA C 7 -16.76 7.74 21.70
CA ALA C 7 -15.51 7.64 20.96
C ALA C 7 -14.99 6.21 20.91
N GLU C 8 -15.27 5.42 21.95
CA GLU C 8 -14.76 4.05 22.01
C GLU C 8 -15.62 3.10 21.16
N LYS C 11 -13.21 3.55 17.74
CA LYS C 11 -11.82 3.17 17.96
C LYS C 11 -11.28 2.37 16.78
N HIS C 12 -12.13 1.48 16.25
CA HIS C 12 -11.72 0.63 15.14
C HIS C 12 -11.43 1.42 13.87
N LEU C 13 -11.92 2.66 13.78
CA LEU C 13 -11.69 3.49 12.61
C LEU C 13 -10.25 3.96 12.48
N ILE C 14 -9.38 3.66 13.45
CA ILE C 14 -7.97 4.00 13.35
C ILE C 14 -7.28 2.87 12.60
N VAL C 15 -7.07 3.07 11.30
CA VAL C 15 -6.53 2.04 10.43
C VAL C 15 -5.20 2.51 9.85
N THR C 16 -4.31 1.55 9.59
CA THR C 16 -3.05 1.86 8.93
C THR C 16 -3.25 1.90 7.42
N PRO C 17 -2.83 2.96 6.74
CA PRO C 17 -3.05 3.03 5.29
C PRO C 17 -2.16 2.05 4.55
N SER C 18 -2.76 1.27 3.65
CA SER C 18 -2.03 0.27 2.89
C SER C 18 -2.75 0.02 1.58
N GLY C 19 -1.99 -0.43 0.58
CA GLY C 19 -2.54 -0.80 -0.72
C GLY C 19 -2.13 0.15 -1.82
N ALA C 20 -2.84 0.03 -2.95
CA ALA C 20 -2.58 0.87 -4.12
C ALA C 20 -3.16 2.27 -3.97
N GLY C 21 -3.23 3.00 -5.09
CA GLY C 21 -3.80 4.34 -5.08
C GLY C 21 -5.28 4.37 -4.83
N GLU C 22 -5.95 3.25 -5.00
CA GLU C 22 -7.37 3.15 -4.71
C GLU C 22 -7.63 2.60 -3.31
N GLN C 23 -6.65 1.91 -2.73
CA GLN C 23 -6.75 1.30 -1.42
C GLN C 23 -6.27 2.21 -0.30
N ASN C 24 -5.28 3.06 -0.57
CA ASN C 24 -4.82 4.00 0.44
C ASN C 24 -5.97 4.81 1.00
N MET C 25 -6.91 5.21 0.13
CA MET C 25 -8.06 5.97 0.60
C MET C 25 -9.10 5.09 1.27
N ILE C 26 -9.30 3.86 0.78
CA ILE C 26 -10.20 2.94 1.45
C ILE C 26 -9.77 2.75 2.89
N GLY C 27 -8.47 2.84 3.17
CA GLY C 27 -8.00 2.74 4.54
C GLY C 27 -7.92 4.05 5.28
N MET C 28 -7.71 5.14 4.55
CA MET C 28 -7.49 6.45 5.17
C MET C 28 -8.78 7.16 5.53
N THR C 29 -9.86 6.92 4.79
CA THR C 29 -11.15 7.55 5.00
C THR C 29 -11.63 7.52 6.45
N PRO C 30 -11.74 6.35 7.09
CA PRO C 30 -12.32 6.33 8.45
C PRO C 30 -11.45 7.04 9.46
N THR C 31 -10.13 6.91 9.36
CA THR C 31 -9.23 7.59 10.29
C THR C 31 -9.43 9.11 10.22
N VAL C 32 -9.38 9.67 9.01
CA VAL C 32 -9.53 11.11 8.84
C VAL C 32 -10.87 11.58 9.36
N ILE C 33 -11.95 10.89 8.96
CA ILE C 33 -13.27 11.35 9.35
C ILE C 33 -13.49 11.19 10.85
N ALA C 34 -12.86 10.19 11.47
CA ALA C 34 -13.01 9.99 12.90
C ALA C 34 -12.25 11.06 13.69
N VAL C 35 -11.04 11.41 13.24
CA VAL C 35 -10.32 12.50 13.88
C VAL C 35 -11.11 13.80 13.74
N HIS C 36 -11.66 14.05 12.55
CA HIS C 36 -12.47 15.24 12.33
C HIS C 36 -13.65 15.30 13.31
N TYR C 37 -14.44 14.22 13.37
CA TYR C 37 -15.60 14.20 14.25
C TYR C 37 -15.19 14.36 15.71
N LEU C 38 -14.24 13.54 16.18
CA LEU C 38 -13.84 13.57 17.59
C LEU C 38 -13.26 14.92 17.98
N ASP C 39 -12.56 15.59 17.06
CA ASP C 39 -12.13 16.96 17.32
C ASP C 39 -13.31 17.89 17.45
N GLU C 40 -14.31 17.73 16.58
CA GLU C 40 -15.49 18.60 16.63
C GLU C 40 -16.25 18.45 17.96
N THR C 41 -16.54 17.20 18.35
CA THR C 41 -17.34 16.94 19.54
C THR C 41 -16.52 16.79 20.81
N GLU C 42 -15.20 16.98 20.74
CA GLU C 42 -14.31 17.09 21.90
C GLU C 42 -14.49 15.94 22.89
N GLN C 43 -14.22 14.72 22.39
CA GLN C 43 -14.30 13.52 23.21
C GLN C 43 -12.96 12.79 23.27
N TRP C 44 -11.86 13.52 23.08
CA TRP C 44 -10.55 12.91 23.22
C TRP C 44 -10.14 12.71 24.68
N GLU C 45 -10.85 13.34 25.62
CA GLU C 45 -10.52 13.16 27.03
C GLU C 45 -10.89 11.76 27.51
N LYS C 46 -12.13 11.33 27.25
CA LYS C 46 -12.57 10.01 27.67
C LYS C 46 -11.96 8.91 26.81
N PHE C 47 -11.41 9.24 25.66
CA PHE C 47 -10.83 8.25 24.74
C PHE C 47 -9.32 8.16 24.89
N GLY C 48 -8.62 9.26 24.67
CA GLY C 48 -7.17 9.28 24.78
C GLY C 48 -6.50 10.23 23.81
N LEU C 49 -5.51 10.97 24.29
CA LEU C 49 -4.78 11.94 23.47
C LEU C 49 -3.65 11.28 22.68
N GLU C 50 -2.95 10.32 23.29
CA GLU C 50 -1.89 9.59 22.60
C GLU C 50 -2.47 8.62 21.57
N ARG C 52 -4.98 10.20 20.06
CA ARG C 52 -5.12 11.07 18.90
C ARG C 52 -3.85 11.05 18.05
N GLN C 53 -2.69 11.09 18.73
CA GLN C 53 -1.42 11.10 18.01
C GLN C 53 -1.32 9.91 17.05
N GLY C 54 -1.65 8.71 17.54
CA GLY C 54 -1.59 7.53 16.70
C GLY C 54 -2.33 7.69 15.39
N ALA C 55 -3.33 8.56 15.35
CA ALA C 55 -4.03 8.83 14.10
C ALA C 55 -3.25 9.82 13.24
N LEU C 56 -2.83 10.94 13.83
CA LEU C 56 -2.15 12.00 13.09
C LEU C 56 -1.04 11.43 12.22
N GLU C 57 -0.05 10.79 12.86
CA GLU C 57 1.03 10.14 12.12
C GLU C 57 0.49 9.28 10.99
N LEU C 58 -0.45 8.37 11.32
CA LEU C 58 -1.00 7.48 10.31
C LEU C 58 -1.45 8.26 9.07
N ILE C 59 -2.12 9.39 9.28
CA ILE C 59 -2.55 10.22 8.15
C ILE C 59 -1.37 10.55 7.26
N LYS C 60 -0.34 11.16 7.86
CA LYS C 60 0.96 11.40 7.22
C LYS C 60 1.31 10.25 6.30
N LYS C 61 1.33 9.04 6.88
CA LYS C 61 1.75 7.86 6.12
C LYS C 61 0.96 7.74 4.83
N GLY C 62 -0.37 7.62 4.96
CA GLY C 62 -1.21 7.54 3.78
C GLY C 62 -0.90 8.65 2.80
N TYR C 63 -0.87 9.89 3.29
CA TYR C 63 -0.59 11.02 2.42
C TYR C 63 0.68 10.78 1.62
N THR C 64 1.77 10.45 2.33
CA THR C 64 3.04 10.19 1.64
C THR C 64 2.85 9.07 0.63
N GLN C 65 2.26 7.96 1.06
CA GLN C 65 2.07 6.84 0.14
C GLN C 65 1.23 7.26 -1.05
N GLN C 66 0.24 8.13 -0.83
CA GLN C 66 -0.63 8.52 -1.93
C GLN C 66 0.13 9.33 -2.98
N LEU C 67 1.18 10.04 -2.55
CA LEU C 67 1.99 10.78 -3.52
C LEU C 67 2.68 9.86 -4.50
N ALA C 68 2.85 8.58 -4.15
CA ALA C 68 3.42 7.62 -5.10
C ALA C 68 2.50 7.36 -6.29
N PHE C 69 1.22 7.75 -6.21
CA PHE C 69 0.25 7.46 -7.26
C PHE C 69 -0.28 8.74 -7.91
N ARG C 70 0.29 9.89 -7.57
CA ARG C 70 -0.05 11.15 -8.23
C ARG C 70 0.56 11.15 -9.62
N GLN C 71 -0.29 11.06 -10.64
CA GLN C 71 0.18 11.07 -12.01
C GLN C 71 0.75 12.45 -12.36
N PRO C 72 1.62 12.52 -13.37
CA PRO C 72 2.22 13.82 -13.72
C PRO C 72 1.20 14.90 -14.05
N SER C 73 -0.02 14.52 -14.42
CA SER C 73 -1.08 15.48 -14.68
C SER C 73 -1.77 15.96 -13.41
N SER C 74 -1.36 15.45 -12.25
CA SER C 74 -1.91 15.67 -10.90
C SER C 74 -3.17 14.85 -10.67
N ALA C 75 -3.62 14.05 -11.64
CA ALA C 75 -4.76 13.18 -11.43
C ALA C 75 -4.35 11.92 -10.69
N PHE C 76 -5.34 11.14 -10.28
CA PHE C 76 -5.10 9.96 -9.46
C PHE C 76 -5.78 8.74 -10.05
N ALA C 77 -5.09 7.60 -9.95
CA ALA C 77 -5.63 6.32 -10.36
C ALA C 77 -5.11 5.26 -9.42
N ALA C 78 -5.65 4.04 -9.55
CA ALA C 78 -5.16 2.93 -8.74
C ALA C 78 -3.69 2.67 -9.00
N PHE C 79 -3.26 2.84 -10.25
CA PHE C 79 -1.86 2.67 -10.62
C PHE C 79 -1.47 3.79 -11.57
N VAL C 80 -0.18 4.13 -11.57
CA VAL C 80 0.30 5.25 -12.37
C VAL C 80 0.10 4.98 -13.86
N LYS C 81 0.15 3.72 -14.27
CA LYS C 81 -0.03 3.34 -15.66
C LYS C 81 -1.49 3.13 -16.05
N ARG C 82 -2.43 3.40 -15.15
CA ARG C 82 -3.84 3.29 -15.45
C ARG C 82 -4.43 4.67 -15.74
N ALA C 83 -5.44 4.70 -16.60
CA ALA C 83 -6.07 5.96 -16.98
C ALA C 83 -6.66 6.65 -15.75
N PRO C 84 -6.57 7.97 -15.68
CA PRO C 84 -7.00 8.66 -14.45
C PRO C 84 -8.50 8.63 -14.27
N SER C 85 -8.93 8.51 -13.02
CA SER C 85 -10.34 8.45 -12.66
C SER C 85 -10.81 9.80 -12.15
N THR C 86 -11.85 10.34 -12.79
CA THR C 86 -12.45 11.59 -12.33
C THR C 86 -12.93 11.47 -10.89
N TRP C 87 -13.65 10.40 -10.58
CA TRP C 87 -14.23 10.23 -9.25
C TRP C 87 -13.14 10.09 -8.20
N LEU C 88 -12.10 9.31 -8.49
CA LEU C 88 -11.04 9.11 -7.49
C LEU C 88 -10.29 10.39 -7.22
N THR C 89 -9.99 11.18 -8.26
CA THR C 89 -9.34 12.46 -8.06
C THR C 89 -10.21 13.40 -7.24
N ALA C 90 -11.51 13.44 -7.55
CA ALA C 90 -12.42 14.30 -6.78
C ALA C 90 -12.50 13.87 -5.32
N TYR C 91 -12.50 12.56 -5.07
CA TYR C 91 -12.59 12.08 -3.69
C TYR C 91 -11.29 12.35 -2.94
N VAL C 92 -10.15 12.23 -3.60
CA VAL C 92 -8.88 12.62 -2.98
C VAL C 92 -8.90 14.09 -2.64
N VAL C 93 -9.43 14.92 -3.55
CA VAL C 93 -9.55 16.35 -3.27
C VAL C 93 -10.39 16.58 -2.01
N LYS C 94 -11.55 15.91 -1.93
CA LYS C 94 -12.44 16.07 -0.79
C LYS C 94 -11.76 15.68 0.51
N VAL C 95 -11.12 14.50 0.53
CA VAL C 95 -10.49 14.00 1.75
C VAL C 95 -9.36 14.91 2.18
N PHE C 96 -8.50 15.31 1.22
CA PHE C 96 -7.36 16.15 1.56
C PHE C 96 -7.82 17.53 2.03
N SER C 97 -8.89 18.06 1.43
CA SER C 97 -9.42 19.35 1.87
C SER C 97 -9.97 19.26 3.29
N LEU C 98 -10.61 18.14 3.63
CA LEU C 98 -11.08 17.98 5.00
C LEU C 98 -9.91 17.77 5.97
N ALA C 99 -8.80 17.21 5.50
CA ALA C 99 -7.69 16.87 6.38
C ALA C 99 -6.58 17.92 6.40
N VAL C 100 -6.73 19.02 5.67
CA VAL C 100 -5.74 20.10 5.74
C VAL C 100 -5.46 20.51 7.18
N ASN C 101 -6.47 20.47 8.05
CA ASN C 101 -6.31 20.90 9.43
C ASN C 101 -5.55 19.90 10.29
N LEU C 102 -5.28 18.70 9.78
CA LEU C 102 -4.59 17.67 10.56
C LEU C 102 -3.09 17.64 10.29
N ILE C 103 -2.68 17.53 9.03
CA ILE C 103 -1.29 17.57 8.64
C ILE C 103 -1.12 18.58 7.50
N ALA C 104 0.11 18.75 7.04
CA ALA C 104 0.42 19.71 5.99
C ALA C 104 0.14 19.09 4.63
N ILE C 105 -0.79 19.67 3.88
CA ILE C 105 -1.14 19.22 2.54
C ILE C 105 -0.51 20.19 1.56
N ASP C 106 0.30 19.66 0.63
CA ASP C 106 0.94 20.51 -0.36
C ASP C 106 -0.12 21.14 -1.26
N SER C 107 -0.18 22.48 -1.27
CA SER C 107 -1.19 23.17 -2.07
C SER C 107 -1.01 22.88 -3.55
N GLN C 108 0.22 22.65 -4.00
CA GLN C 108 0.45 22.28 -5.39
C GLN C 108 -0.32 21.01 -5.75
N VAL C 109 -0.24 19.99 -4.90
CA VAL C 109 -0.92 18.72 -5.17
C VAL C 109 -2.42 18.92 -5.29
N LEU C 110 -3.03 19.49 -4.25
CA LEU C 110 -4.49 19.61 -4.20
C LEU C 110 -5.00 20.51 -5.30
N CYS C 111 -4.39 21.68 -5.49
CA CYS C 111 -4.85 22.60 -6.50
C CYS C 111 -4.57 22.09 -7.91
N GLY C 112 -3.53 21.27 -8.09
CA GLY C 112 -3.32 20.66 -9.39
C GLY C 112 -4.36 19.61 -9.71
N ALA C 113 -4.77 18.83 -8.70
CA ALA C 113 -5.88 17.91 -8.91
C ALA C 113 -7.16 18.65 -9.27
N VAL C 114 -7.44 19.75 -8.56
CA VAL C 114 -8.62 20.56 -8.87
C VAL C 114 -8.55 21.09 -10.29
N LYS C 115 -7.39 21.59 -10.69
CA LYS C 115 -7.22 22.14 -12.03
C LYS C 115 -7.35 21.07 -13.09
N TRP C 116 -6.87 19.86 -12.82
CA TRP C 116 -7.05 18.77 -13.77
C TRP C 116 -8.52 18.44 -13.95
N LEU C 117 -9.26 18.36 -12.84
CA LEU C 117 -10.71 18.14 -12.93
C LEU C 117 -11.37 19.23 -13.77
N ILE C 118 -10.96 20.49 -13.58
CA ILE C 118 -11.61 21.58 -14.30
C ILE C 118 -11.26 21.54 -15.79
N LEU C 119 -10.00 21.28 -16.12
CA LEU C 119 -9.52 21.43 -17.48
C LEU C 119 -9.72 20.21 -18.35
N GLU C 120 -9.87 19.02 -17.77
CA GLU C 120 -9.98 17.81 -18.58
C GLU C 120 -11.34 17.13 -18.52
N LYS C 121 -12.01 17.16 -17.37
CA LYS C 121 -13.16 16.31 -17.14
C LYS C 121 -14.49 17.04 -17.04
N GLN C 122 -14.52 18.35 -17.27
CA GLN C 122 -15.78 19.10 -17.31
C GLN C 122 -16.21 19.29 -18.75
N LYS C 123 -17.44 18.87 -19.06
CA LYS C 123 -17.98 18.98 -20.39
C LYS C 123 -18.53 20.39 -20.64
N PRO C 124 -18.69 20.76 -21.92
CA PRO C 124 -19.10 22.16 -22.22
C PRO C 124 -20.39 22.59 -21.56
N ASP C 125 -21.29 21.66 -21.24
CA ASP C 125 -22.53 22.01 -20.56
C ASP C 125 -22.40 21.96 -19.04
N GLY C 126 -21.18 21.86 -18.51
CA GLY C 126 -20.95 21.83 -17.08
C GLY C 126 -20.89 20.46 -16.47
N VAL C 127 -21.18 19.40 -17.24
CA VAL C 127 -21.16 18.05 -16.70
C VAL C 127 -19.72 17.62 -16.42
N PHE C 128 -19.51 16.99 -15.28
CA PHE C 128 -18.25 16.31 -14.99
C PHE C 128 -18.41 14.84 -15.38
N GLN C 129 -17.53 14.37 -16.26
CA GLN C 129 -17.67 13.06 -16.88
C GLN C 129 -16.53 12.15 -16.44
N GLU C 130 -16.87 10.89 -16.17
CA GLU C 130 -15.90 9.86 -15.82
C GLU C 130 -15.58 9.03 -17.05
N ASP C 131 -14.29 8.93 -17.40
CA ASP C 131 -13.85 8.13 -18.53
C ASP C 131 -13.09 6.89 -18.12
N ALA C 132 -12.71 6.76 -16.86
CA ALA C 132 -12.00 5.58 -16.35
C ALA C 132 -12.57 5.24 -14.99
N PRO C 133 -13.63 4.43 -14.94
CA PRO C 133 -14.26 4.11 -13.66
C PRO C 133 -13.30 3.42 -12.71
N VAL C 134 -13.52 3.67 -11.41
CA VAL C 134 -12.67 3.06 -10.39
C VAL C 134 -12.90 1.56 -10.35
N ILE C 135 -11.88 0.84 -9.87
CA ILE C 135 -11.97 -0.62 -9.82
C ILE C 135 -12.87 -1.06 -8.67
N HIS C 136 -12.62 -0.55 -7.47
CA HIS C 136 -13.44 -0.87 -6.31
C HIS C 136 -14.73 -0.06 -6.41
N GLN C 137 -15.74 -0.64 -7.06
CA GLN C 137 -17.01 0.05 -7.25
C GLN C 137 -17.84 0.15 -5.98
N GLU C 138 -17.36 -0.39 -4.86
CA GLU C 138 -18.14 -0.42 -3.63
C GLU C 138 -17.97 0.83 -2.77
N MET C 139 -17.02 1.70 -3.07
CA MET C 139 -16.81 2.91 -2.29
C MET C 139 -17.43 4.13 -2.93
N ILE C 140 -18.39 3.94 -3.83
CA ILE C 140 -18.96 5.04 -4.59
C ILE C 140 -20.29 5.47 -3.95
N GLY C 141 -20.97 4.51 -3.31
CA GLY C 141 -22.30 4.78 -2.81
C GLY C 141 -23.32 4.65 -3.93
N GLY C 142 -24.43 5.38 -3.78
CA GLY C 142 -25.45 5.38 -4.80
C GLY C 142 -25.07 6.24 -5.99
N ARG C 144 -23.45 3.96 -7.51
CA ARG C 144 -23.30 2.77 -8.34
C ARG C 144 -24.43 2.68 -9.36
N ASN C 145 -25.60 3.20 -8.98
CA ASN C 145 -26.74 3.25 -9.89
C ASN C 145 -26.48 4.33 -10.95
N ASN C 146 -26.28 3.91 -12.19
CA ASN C 146 -25.93 4.81 -13.27
C ASN C 146 -27.11 5.62 -13.79
N ASN C 147 -28.28 5.52 -13.16
CA ASN C 147 -29.41 6.35 -13.51
C ASN C 147 -29.18 7.76 -12.97
N GLU C 148 -29.35 8.77 -13.84
CA GLU C 148 -29.01 10.15 -13.52
C GLU C 148 -27.56 10.27 -13.08
N LYS C 149 -26.69 9.49 -13.73
CA LYS C 149 -25.28 9.46 -13.35
C LYS C 149 -24.59 10.79 -13.63
N ASP C 150 -25.00 11.49 -14.70
CA ASP C 150 -24.45 12.81 -14.96
C ASP C 150 -24.74 13.75 -13.80
N MET C 151 -25.99 13.78 -13.34
CA MET C 151 -26.37 14.61 -12.21
C MET C 151 -25.57 14.26 -10.96
N ALA C 152 -25.53 12.97 -10.62
CA ALA C 152 -24.89 12.55 -9.38
C ALA C 152 -23.39 12.86 -9.40
N LEU C 153 -22.71 12.52 -10.50
CA LEU C 153 -21.27 12.76 -10.57
C LEU C 153 -20.95 14.24 -10.63
N THR C 154 -21.76 15.03 -11.34
CA THR C 154 -21.54 16.47 -11.38
C THR C 154 -21.70 17.08 -9.99
N ALA C 155 -22.73 16.65 -9.26
CA ALA C 155 -22.91 17.15 -7.90
C ALA C 155 -21.77 16.74 -7.00
N PHE C 156 -21.29 15.51 -7.14
CA PHE C 156 -20.17 15.02 -6.33
C PHE C 156 -18.91 15.83 -6.58
N VAL C 157 -18.55 16.01 -7.85
CA VAL C 157 -17.34 16.75 -8.19
C VAL C 157 -17.49 18.22 -7.80
N LEU C 158 -18.69 18.77 -7.92
CA LEU C 158 -18.92 20.16 -7.52
C LEU C 158 -18.77 20.32 -6.01
N ILE C 159 -19.26 19.35 -5.24
CA ILE C 159 -19.07 19.37 -3.79
C ILE C 159 -17.58 19.32 -3.46
N SER C 160 -16.84 18.45 -4.15
CA SER C 160 -15.40 18.35 -3.90
C SER C 160 -14.68 19.64 -4.26
N LEU C 161 -15.11 20.32 -5.32
CA LEU C 161 -14.47 21.57 -5.72
C LEU C 161 -14.78 22.68 -4.74
N GLN C 162 -16.02 22.78 -4.27
CA GLN C 162 -16.37 23.81 -3.30
C GLN C 162 -15.73 23.56 -1.95
N GLU C 163 -15.50 22.29 -1.59
CA GLU C 163 -14.82 21.99 -0.34
C GLU C 163 -13.34 22.33 -0.40
N ALA C 164 -12.79 22.51 -1.60
CA ALA C 164 -11.40 22.93 -1.77
C ALA C 164 -11.27 24.38 -2.19
N LYS C 165 -12.38 25.12 -2.22
CA LYS C 165 -12.35 26.49 -2.72
C LYS C 165 -11.52 27.41 -1.83
N ASP C 166 -11.50 27.14 -0.52
CA ASP C 166 -10.75 28.02 0.39
C ASP C 166 -9.24 27.86 0.20
N ILE C 167 -8.76 26.63 0.09
CA ILE C 167 -7.33 26.40 -0.08
C ILE C 167 -6.87 26.88 -1.46
N CYS C 168 -7.60 26.50 -2.50
CA CYS C 168 -7.24 26.92 -3.86
C CYS C 168 -7.93 28.24 -4.21
N GLU C 169 -8.55 28.30 -5.39
CA GLU C 169 -9.24 29.50 -5.87
C GLU C 169 -8.26 30.66 -6.07
N GLU C 170 -7.48 31.00 -5.03
CA GLU C 170 -6.38 31.93 -5.23
C GLU C 170 -5.31 31.35 -6.15
N GLN C 171 -5.25 30.02 -6.27
CA GLN C 171 -4.29 29.33 -7.12
C GLN C 171 -4.86 28.94 -8.47
N VAL C 172 -6.16 28.65 -8.54
CA VAL C 172 -6.81 28.16 -9.76
C VAL C 172 -7.81 29.23 -10.18
N ASN C 173 -7.47 29.98 -11.23
CA ASN C 173 -8.32 31.09 -11.66
C ASN C 173 -9.65 30.61 -12.22
N SER C 174 -9.68 29.43 -12.85
CA SER C 174 -10.88 28.92 -13.49
C SER C 174 -11.83 28.21 -12.52
N LEU C 175 -11.56 28.26 -11.22
CA LEU C 175 -12.40 27.53 -10.27
C LEU C 175 -13.79 28.15 -10.14
N PRO C 176 -13.97 29.46 -9.94
CA PRO C 176 -15.34 29.99 -9.83
C PRO C 176 -16.17 29.78 -11.08
N GLY C 177 -15.57 29.92 -12.26
CA GLY C 177 -16.31 29.70 -13.49
C GLY C 177 -16.78 28.27 -13.64
N SER C 178 -15.92 27.31 -13.27
CA SER C 178 -16.31 25.91 -13.34
C SER C 178 -17.42 25.60 -12.33
N ILE C 179 -17.32 26.15 -11.12
CA ILE C 179 -18.39 25.99 -10.14
C ILE C 179 -19.70 26.53 -10.69
N THR C 180 -19.65 27.71 -11.32
CA THR C 180 -20.85 28.31 -11.88
C THR C 180 -21.42 27.47 -13.02
N LYS C 181 -20.56 26.90 -13.86
CA LYS C 181 -21.04 26.05 -14.95
C LYS C 181 -21.76 24.81 -14.40
N ALA C 182 -21.12 24.11 -13.45
CA ALA C 182 -21.73 22.93 -12.88
C ALA C 182 -23.05 23.27 -12.19
N GLY C 183 -23.09 24.40 -11.47
CA GLY C 183 -24.32 24.82 -10.84
C GLY C 183 -25.40 25.19 -11.83
N ASP C 184 -25.01 25.77 -12.97
CA ASP C 184 -25.98 26.04 -14.03
C ASP C 184 -26.62 24.76 -14.53
N PHE C 185 -25.80 23.74 -14.79
CA PHE C 185 -26.33 22.45 -15.20
C PHE C 185 -27.28 21.88 -14.15
N LEU C 186 -26.85 21.91 -12.88
CA LEU C 186 -27.65 21.35 -11.80
C LEU C 186 -28.98 22.06 -11.68
N GLU C 187 -28.96 23.40 -11.68
CA GLU C 187 -30.20 24.17 -11.56
C GLU C 187 -31.10 23.96 -12.76
N ALA C 188 -30.52 23.83 -13.96
CA ALA C 188 -31.35 23.67 -15.16
C ALA C 188 -32.04 22.33 -15.20
N ASN C 189 -31.41 21.27 -14.70
CA ASN C 189 -32.04 19.95 -14.77
C ASN C 189 -32.53 19.45 -13.41
N TYR C 190 -32.57 20.31 -12.38
CA TYR C 190 -33.06 19.89 -11.08
C TYR C 190 -34.54 19.52 -11.11
N MET C 191 -35.32 20.09 -12.03
CA MET C 191 -36.75 19.84 -12.07
C MET C 191 -37.12 18.53 -12.76
N ASN C 192 -36.13 17.70 -13.12
CA ASN C 192 -36.38 16.43 -13.77
C ASN C 192 -36.04 15.22 -12.90
N LEU C 193 -35.39 15.41 -11.76
CA LEU C 193 -34.88 14.28 -10.99
C LEU C 193 -36.00 13.43 -10.41
N GLN C 194 -35.70 12.15 -10.21
CA GLN C 194 -36.67 11.21 -9.69
C GLN C 194 -36.13 10.45 -8.48
N ARG C 195 -34.81 10.28 -8.42
CA ARG C 195 -34.17 9.53 -7.35
C ARG C 195 -33.83 10.46 -6.20
N SER C 196 -34.37 10.17 -5.01
CA SER C 196 -34.18 11.03 -3.84
C SER C 196 -32.70 11.22 -3.52
N TYR C 197 -31.87 10.23 -3.84
CA TYR C 197 -30.42 10.38 -3.67
C TYR C 197 -29.90 11.56 -4.50
N THR C 198 -30.26 11.59 -5.78
CA THR C 198 -29.84 12.67 -6.66
C THR C 198 -30.35 14.01 -6.15
N VAL C 199 -31.63 14.06 -5.77
CA VAL C 199 -32.20 15.29 -5.21
C VAL C 199 -31.38 15.75 -4.02
N ALA C 200 -31.01 14.83 -3.14
CA ALA C 200 -30.32 15.22 -1.91
C ALA C 200 -28.90 15.72 -2.18
N ILE C 201 -28.12 14.96 -2.95
CA ILE C 201 -26.74 15.37 -3.18
C ILE C 201 -26.69 16.66 -4.01
N ALA C 202 -27.55 16.77 -5.03
CA ALA C 202 -27.68 18.01 -5.76
C ALA C 202 -28.03 19.15 -4.81
N GLY C 203 -29.15 19.04 -4.11
CA GLY C 203 -29.57 20.03 -3.13
C GLY C 203 -28.45 20.50 -2.23
N TYR C 204 -27.59 19.59 -1.77
CA TYR C 204 -26.43 20.02 -1.01
C TYR C 204 -25.52 20.92 -1.85
N ALA C 205 -25.26 20.52 -3.10
CA ALA C 205 -24.41 21.32 -3.96
C ALA C 205 -25.00 22.72 -4.21
N LEU C 206 -26.26 22.76 -4.65
CA LEU C 206 -26.91 24.06 -4.94
C LEU C 206 -27.05 24.90 -3.67
N ALA C 207 -27.25 24.27 -2.51
CA ALA C 207 -27.32 25.05 -1.27
C ALA C 207 -25.96 25.62 -0.92
N GLN C 208 -24.89 24.87 -1.19
CA GLN C 208 -23.55 25.44 -1.08
C GLN C 208 -23.41 26.65 -1.98
N MET C 209 -24.01 26.60 -3.17
CA MET C 209 -23.99 27.74 -4.08
C MET C 209 -25.13 28.72 -3.83
N GLY C 210 -26.02 28.45 -2.88
CA GLY C 210 -27.09 29.37 -2.58
C GLY C 210 -28.10 29.53 -3.70
N ARG C 211 -28.36 28.47 -4.45
CA ARG C 211 -29.34 28.50 -5.54
C ARG C 211 -30.47 27.50 -5.32
N LEU C 212 -30.59 26.92 -4.14
CA LEU C 212 -31.71 26.03 -3.80
C LEU C 212 -32.83 26.90 -3.23
N LYS C 213 -33.54 27.58 -4.12
CA LYS C 213 -34.57 28.52 -3.75
C LYS C 213 -35.83 28.29 -4.59
N GLY C 214 -36.93 28.86 -4.14
CA GLY C 214 -38.18 28.82 -4.86
C GLY C 214 -38.69 27.42 -5.10
N PRO C 215 -39.06 27.12 -6.35
CA PRO C 215 -39.54 25.77 -6.66
C PRO C 215 -38.49 24.69 -6.45
N LEU C 216 -37.20 25.03 -6.59
CA LEU C 216 -36.15 24.04 -6.36
C LEU C 216 -36.11 23.63 -4.90
N LEU C 217 -36.10 24.59 -3.99
CA LEU C 217 -36.16 24.29 -2.57
C LEU C 217 -37.48 23.60 -2.21
N ASN C 218 -38.57 23.99 -2.87
CA ASN C 218 -39.86 23.36 -2.63
C ASN C 218 -39.82 21.87 -2.96
N LYS C 219 -39.24 21.53 -4.12
CA LYS C 219 -39.14 20.13 -4.51
C LYS C 219 -38.18 19.38 -3.59
N PHE C 220 -37.05 20.00 -3.23
CA PHE C 220 -36.11 19.35 -2.32
C PHE C 220 -36.77 19.02 -0.99
N LEU C 221 -37.63 19.92 -0.49
CA LEU C 221 -38.29 19.68 0.78
C LEU C 221 -39.43 18.68 0.65
N THR C 222 -40.15 18.72 -0.48
CA THR C 222 -41.28 17.82 -0.66
C THR C 222 -40.84 16.39 -0.89
N THR C 223 -39.69 16.19 -1.55
CA THR C 223 -39.23 14.85 -1.86
C THR C 223 -39.04 14.00 -0.61
N ALA C 224 -38.80 14.63 0.54
CA ALA C 224 -38.62 13.89 1.78
C ALA C 224 -39.93 13.29 2.26
N LYS C 225 -39.87 12.07 2.76
CA LYS C 225 -41.04 11.39 3.31
C LYS C 225 -41.15 11.69 4.80
N ASP C 226 -42.32 12.16 5.22
CA ASP C 226 -42.64 12.48 6.61
C ASP C 226 -41.71 13.53 7.19
N LYS C 227 -41.05 14.31 6.33
CA LYS C 227 -40.19 15.43 6.75
C LYS C 227 -39.09 14.97 7.69
N ASN C 228 -38.38 13.92 7.28
CA ASN C 228 -37.34 13.37 8.16
C ASN C 228 -36.28 12.56 7.41
N ARG C 229 -36.56 12.17 6.17
CA ARG C 229 -35.63 11.32 5.44
C ARG C 229 -35.79 11.50 3.94
N TRP C 230 -34.68 11.35 3.23
CA TRP C 230 -34.65 11.33 1.77
C TRP C 230 -34.31 9.89 1.37
N GLU C 231 -35.32 9.14 0.96
CA GLU C 231 -35.20 7.70 0.77
C GLU C 231 -35.52 7.31 -0.68
N ASP C 232 -34.73 6.37 -1.21
CA ASP C 232 -34.96 5.74 -2.49
C ASP C 232 -35.13 4.24 -2.30
N PRO C 233 -35.90 3.56 -3.17
CA PRO C 233 -36.09 2.10 -3.06
C PRO C 233 -34.79 1.31 -3.14
N TYR C 238 -27.25 3.59 1.08
CA TYR C 238 -27.39 4.67 0.11
C TYR C 238 -28.34 5.74 0.64
N ASN C 239 -29.43 5.30 1.26
CA ASN C 239 -30.42 6.23 1.78
C ASN C 239 -29.86 7.05 2.93
N VAL C 240 -29.02 6.44 3.77
CA VAL C 240 -28.38 7.18 4.86
C VAL C 240 -27.43 8.23 4.30
N GLU C 241 -26.70 7.89 3.23
CA GLU C 241 -25.81 8.85 2.59
C GLU C 241 -26.60 10.02 1.98
N ALA C 242 -27.72 9.71 1.33
CA ALA C 242 -28.56 10.77 0.77
C ALA C 242 -29.14 11.66 1.86
N THR C 243 -29.59 11.06 2.97
CA THR C 243 -30.11 11.85 4.07
C THR C 243 -29.02 12.69 4.72
N SER C 244 -27.79 12.19 4.76
CA SER C 244 -26.68 13.00 5.27
C SER C 244 -26.42 14.19 4.36
N TYR C 245 -26.45 13.98 3.04
CA TYR C 245 -26.32 15.09 2.11
C TYR C 245 -27.42 16.12 2.31
N ALA C 246 -28.66 15.65 2.48
CA ALA C 246 -29.77 16.56 2.68
C ALA C 246 -29.67 17.31 4.01
N LEU C 247 -29.12 16.66 5.04
CA LEU C 247 -28.90 17.34 6.31
C LEU C 247 -27.82 18.41 6.18
N LEU C 248 -26.74 18.09 5.47
CA LEU C 248 -25.72 19.10 5.22
C LEU C 248 -26.29 20.28 4.45
N ALA C 249 -27.20 19.99 3.50
CA ALA C 249 -27.94 21.06 2.82
C ALA C 249 -28.71 21.91 3.81
N LEU C 250 -29.63 21.28 4.55
CA LEU C 250 -30.44 22.00 5.53
C LEU C 250 -29.59 22.83 6.48
N LEU C 251 -28.38 22.36 6.78
CA LEU C 251 -27.47 23.16 7.59
C LEU C 251 -26.93 24.34 6.81
N GLN C 252 -26.68 24.16 5.51
CA GLN C 252 -26.26 25.29 4.69
C GLN C 252 -27.35 26.35 4.61
N LEU C 253 -28.62 25.93 4.51
CA LEU C 253 -29.72 26.85 4.66
C LEU C 253 -29.92 27.20 6.13
N LYS C 254 -31.10 27.72 6.49
CA LYS C 254 -31.41 28.06 7.86
C LYS C 254 -32.73 27.44 8.30
N ASP C 255 -33.11 26.31 7.70
CA ASP C 255 -34.35 25.61 8.05
C ASP C 255 -34.08 24.72 9.26
N PHE C 256 -33.88 25.37 10.41
CA PHE C 256 -33.62 24.65 11.64
C PHE C 256 -34.87 24.04 12.25
N ASP C 257 -36.05 24.29 11.67
CA ASP C 257 -37.26 23.57 12.06
C ASP C 257 -37.36 22.21 11.39
N PHE C 258 -36.59 21.99 10.33
CA PHE C 258 -36.63 20.74 9.58
C PHE C 258 -35.55 19.75 10.02
N VAL C 259 -34.45 20.23 10.58
CA VAL C 259 -33.30 19.39 10.90
C VAL C 259 -33.54 18.47 12.10
N PRO C 260 -34.33 18.83 13.13
CA PRO C 260 -34.48 17.91 14.28
C PRO C 260 -35.02 16.55 13.87
N PRO C 261 -36.11 16.46 13.09
CA PRO C 261 -36.60 15.12 12.71
C PRO C 261 -35.65 14.35 11.81
N VAL C 262 -34.89 15.05 10.95
CA VAL C 262 -33.93 14.37 10.09
C VAL C 262 -32.81 13.76 10.93
N VAL C 263 -32.26 14.55 11.86
CA VAL C 263 -31.28 14.00 12.80
C VAL C 263 -31.87 12.85 13.58
N ARG C 264 -33.14 12.96 13.98
CA ARG C 264 -33.81 11.88 14.69
C ARG C 264 -33.80 10.60 13.88
N TRP C 265 -34.22 10.67 12.62
CA TRP C 265 -34.20 9.49 11.76
C TRP C 265 -32.79 8.93 11.63
N LEU C 266 -31.79 9.81 11.49
CA LEU C 266 -30.41 9.34 11.40
C LEU C 266 -29.96 8.70 12.71
N ASN C 267 -30.27 9.33 13.83
CA ASN C 267 -29.90 8.76 15.13
C ASN C 267 -30.68 7.49 15.43
N GLU C 268 -31.89 7.35 14.88
CA GLU C 268 -32.70 6.15 15.06
C GLU C 268 -32.44 5.08 14.02
N GLN C 269 -31.35 5.21 13.25
CA GLN C 269 -30.91 4.22 12.28
C GLN C 269 -29.41 3.99 12.40
N ARG C 270 -28.87 4.07 13.61
CA ARG C 270 -27.44 4.25 13.80
C ARG C 270 -26.65 2.94 13.90
N TYR C 271 -25.92 2.75 15.00
CA TYR C 271 -24.78 1.83 15.11
C TYR C 271 -23.81 2.00 13.93
N TYR C 272 -23.43 3.25 13.69
CA TYR C 272 -22.56 3.66 12.57
C TYR C 272 -23.26 3.48 11.23
N GLY C 275 -16.28 -1.51 7.20
CA GLY C 275 -15.40 -2.37 6.42
C GLY C 275 -15.63 -2.25 4.92
N TYR C 276 -16.15 -3.33 4.33
CA TYR C 276 -16.34 -3.38 2.89
C TYR C 276 -17.43 -2.40 2.45
N GLY C 277 -17.06 -1.49 1.55
CA GLY C 277 -18.02 -0.58 0.95
C GLY C 277 -18.73 0.34 1.91
N SER C 278 -18.00 0.93 2.85
CA SER C 278 -18.58 1.81 3.85
C SER C 278 -18.15 3.26 3.74
N THR C 279 -17.11 3.55 2.94
CA THR C 279 -16.45 4.86 2.98
C THR C 279 -17.43 6.01 2.81
N GLN C 280 -18.27 5.95 1.77
CA GLN C 280 -19.22 7.02 1.53
C GLN C 280 -20.14 7.22 2.74
N ALA C 281 -20.71 6.13 3.24
CA ALA C 281 -21.64 6.23 4.37
C ALA C 281 -20.97 6.86 5.59
N THR C 282 -19.82 6.31 6.00
CA THR C 282 -19.13 6.82 7.19
C THR C 282 -18.73 8.28 7.02
N PHE C 283 -18.04 8.59 5.92
CA PHE C 283 -17.59 9.97 5.67
C PHE C 283 -18.77 10.93 5.72
N MET C 284 -19.84 10.62 4.99
CA MET C 284 -20.96 11.54 4.88
C MET C 284 -21.67 11.70 6.22
N VAL C 285 -21.99 10.59 6.89
CA VAL C 285 -22.75 10.70 8.15
C VAL C 285 -21.93 11.41 9.21
N PHE C 286 -20.62 11.12 9.30
CA PHE C 286 -19.81 11.75 10.34
C PHE C 286 -19.61 13.23 10.04
N GLN C 287 -19.35 13.59 8.78
CA GLN C 287 -19.21 15.00 8.42
C GLN C 287 -20.50 15.77 8.68
N ALA C 288 -21.64 15.17 8.32
CA ALA C 288 -22.92 15.84 8.53
C ALA C 288 -23.22 16.03 10.01
N LEU C 289 -22.94 15.01 10.82
CA LEU C 289 -23.18 15.14 12.26
C LEU C 289 -22.24 16.16 12.90
N ALA C 290 -20.99 16.20 12.45
CA ALA C 290 -20.05 17.20 12.96
C ALA C 290 -20.52 18.60 12.59
N GLN C 291 -21.05 18.78 11.38
CA GLN C 291 -21.58 20.08 10.99
C GLN C 291 -22.83 20.44 11.79
N TYR C 292 -23.66 19.45 12.11
CA TYR C 292 -24.81 19.70 12.96
C TYR C 292 -24.38 20.14 14.36
N GLN C 293 -23.30 19.55 14.87
CA GLN C 293 -22.73 20.01 16.14
C GLN C 293 -22.24 21.45 16.02
N LYS C 294 -21.45 21.73 14.98
CA LYS C 294 -20.87 23.06 14.81
C LYS C 294 -21.93 24.15 14.85
N ASP C 295 -23.01 23.98 14.09
CA ASP C 295 -24.10 24.93 14.08
C ASP C 295 -25.14 24.60 15.13
N ALA D 7 14.11 44.15 -17.56
CA ALA D 7 13.89 45.39 -16.83
C ALA D 7 12.89 45.21 -15.70
N GLU D 8 11.64 45.58 -15.95
CA GLU D 8 10.61 45.53 -14.93
C GLU D 8 10.00 44.14 -14.84
N LYS D 9 9.69 43.72 -13.61
CA LYS D 9 9.04 42.44 -13.40
C LYS D 9 7.54 42.55 -13.68
N CYS D 10 6.89 41.39 -13.82
CA CYS D 10 5.46 41.30 -14.06
C CYS D 10 4.74 40.74 -12.85
N GLY D 11 3.47 41.11 -12.71
CA GLY D 11 2.58 40.43 -11.81
C GLY D 11 2.13 39.12 -12.41
N PRO D 12 1.06 38.53 -11.86
CA PRO D 12 0.61 37.23 -12.36
C PRO D 12 0.06 37.36 -13.77
N PRO D 13 0.11 36.28 -14.56
CA PRO D 13 -0.38 36.34 -15.95
C PRO D 13 -1.89 36.56 -16.00
N PRO D 14 -2.40 36.99 -17.14
CA PRO D 14 -3.82 37.39 -17.22
C PRO D 14 -4.74 36.19 -17.24
N PRO D 15 -6.01 36.38 -16.92
CA PRO D 15 -6.98 35.29 -17.00
C PRO D 15 -7.66 35.22 -18.36
N ILE D 16 -8.06 34.00 -18.72
CA ILE D 16 -8.82 33.76 -19.94
C ILE D 16 -10.05 32.95 -19.61
N ASP D 17 -11.11 33.14 -20.39
CA ASP D 17 -12.34 32.40 -20.19
C ASP D 17 -12.14 30.93 -20.56
N ASN D 18 -12.60 30.04 -19.69
CA ASN D 18 -12.60 28.60 -19.95
C ASN D 18 -11.18 28.06 -20.15
N GLY D 19 -10.20 28.71 -19.54
CA GLY D 19 -8.82 28.25 -19.62
C GLY D 19 -8.05 28.66 -18.40
N ASP D 20 -6.83 28.14 -18.30
CA ASP D 20 -5.98 28.45 -17.16
C ASP D 20 -4.53 28.12 -17.50
N ILE D 21 -3.62 28.67 -16.70
CA ILE D 21 -2.20 28.36 -16.87
C ILE D 21 -1.92 26.98 -16.32
N THR D 22 -0.86 26.36 -16.84
CA THR D 22 -0.53 24.98 -16.50
C THR D 22 0.43 24.85 -15.32
N SER D 23 0.86 25.96 -14.73
CA SER D 23 1.86 25.93 -13.67
C SER D 23 1.34 26.63 -12.41
N PHE D 24 2.12 26.50 -11.34
CA PHE D 24 1.78 27.16 -10.08
C PHE D 24 1.80 28.67 -10.25
N LEU D 25 0.72 29.32 -9.85
CA LEU D 25 0.57 30.76 -10.03
C LEU D 25 1.42 31.50 -9.01
N LEU D 26 2.37 32.31 -9.50
CA LEU D 26 3.19 33.15 -8.66
C LEU D 26 2.68 34.59 -8.68
N SER D 27 3.12 35.37 -7.70
CA SER D 27 2.72 36.77 -7.59
C SER D 27 3.66 37.71 -8.31
N VAL D 28 4.86 37.26 -8.65
CA VAL D 28 5.83 38.09 -9.39
C VAL D 28 6.63 37.19 -10.31
N TYR D 29 6.94 37.70 -11.50
CA TYR D 29 7.66 36.94 -12.51
C TYR D 29 8.83 37.76 -13.01
N ALA D 30 9.99 37.12 -13.14
CA ALA D 30 11.16 37.80 -13.70
C ALA D 30 10.94 38.08 -15.18
N PRO D 31 11.50 39.17 -15.69
CA PRO D 31 11.41 39.43 -17.14
C PRO D 31 12.02 38.30 -17.94
N GLY D 32 11.33 37.94 -19.04
CA GLY D 32 11.73 36.82 -19.86
C GLY D 32 11.08 35.50 -19.49
N SER D 33 10.45 35.41 -18.31
CA SER D 33 9.78 34.18 -17.93
C SER D 33 8.51 33.98 -18.75
N SER D 34 8.10 32.73 -18.89
CA SER D 34 6.97 32.37 -19.73
C SER D 34 6.02 31.46 -18.97
N VAL D 35 4.75 31.50 -19.36
CA VAL D 35 3.75 30.55 -18.89
C VAL D 35 2.95 30.05 -20.09
N GLU D 36 2.27 28.92 -19.89
CA GLU D 36 1.50 28.29 -20.95
C GLU D 36 0.06 28.09 -20.48
N TYR D 37 -0.88 28.21 -21.43
CA TYR D 37 -2.29 28.08 -21.14
C TYR D 37 -2.84 26.77 -21.69
N GLN D 38 -3.94 26.34 -21.09
CA GLN D 38 -4.71 25.19 -21.54
C GLN D 38 -6.19 25.49 -21.39
N CYS D 39 -6.97 25.12 -22.40
CA CYS D 39 -8.40 25.34 -22.40
C CYS D 39 -9.12 24.11 -21.87
N GLN D 40 -10.37 24.31 -21.47
CA GLN D 40 -11.20 23.21 -20.99
C GLN D 40 -11.49 22.23 -22.12
N ASN D 41 -12.07 21.08 -21.74
CA ASN D 41 -12.37 20.03 -22.69
C ASN D 41 -13.27 20.54 -23.81
N LEU D 42 -12.84 20.31 -25.05
CA LEU D 42 -13.50 20.61 -26.32
C LEU D 42 -13.46 22.10 -26.67
N TYR D 43 -12.97 22.97 -25.78
CA TYR D 43 -12.68 24.35 -26.15
C TYR D 43 -11.37 24.37 -26.93
N GLN D 44 -11.36 25.08 -28.05
CA GLN D 44 -10.22 25.06 -28.94
C GLN D 44 -9.31 26.25 -28.66
N LEU D 45 -8.02 25.98 -28.42
CA LEU D 45 -7.07 27.05 -28.15
C LEU D 45 -6.69 27.75 -29.44
N GLU D 46 -6.84 29.07 -29.47
CA GLU D 46 -6.50 29.90 -30.62
C GLU D 46 -5.42 30.89 -30.21
N GLY D 47 -4.35 30.93 -30.99
CA GLY D 47 -3.20 31.76 -30.69
C GLY D 47 -2.08 30.96 -30.05
N ASN D 48 -0.99 31.68 -29.76
CA ASN D 48 0.13 31.07 -29.07
C ASN D 48 -0.29 30.67 -27.66
N ASN D 49 -0.10 29.39 -27.33
CA ASN D 49 -0.44 28.92 -25.99
C ASN D 49 0.55 29.39 -24.93
N GLN D 50 1.68 29.97 -25.33
CA GLN D 50 2.69 30.46 -24.41
C GLN D 50 2.77 31.97 -24.47
N ILE D 51 2.87 32.61 -23.31
CA ILE D 51 3.09 34.04 -23.21
C ILE D 51 4.35 34.28 -22.38
N THR D 52 4.93 35.47 -22.58
CA THR D 52 6.22 35.84 -22.00
C THR D 52 6.14 37.22 -21.38
N CYS D 53 6.80 37.40 -20.24
CA CYS D 53 6.84 38.68 -19.54
C CYS D 53 7.99 39.52 -20.07
N ARG D 54 7.67 40.70 -20.61
CA ARG D 54 8.68 41.63 -21.10
C ARG D 54 8.30 43.05 -20.68
N ASN D 55 9.22 43.73 -20.00
CA ASN D 55 9.04 45.12 -19.59
C ASN D 55 7.76 45.32 -18.78
N GLY D 56 7.52 44.41 -17.84
CA GLY D 56 6.34 44.50 -16.99
C GLY D 56 5.02 44.17 -17.65
N GLN D 57 5.05 43.70 -18.90
CA GLN D 57 3.83 43.41 -19.64
C GLN D 57 3.87 41.97 -20.14
N TRP D 58 2.72 41.29 -20.04
CA TRP D 58 2.55 39.97 -20.63
C TRP D 58 2.05 40.12 -22.06
N SER D 59 2.52 39.24 -22.95
CA SER D 59 1.98 39.22 -24.29
C SER D 59 0.53 38.72 -24.26
N GLU D 60 -0.16 38.87 -25.38
CA GLU D 60 -1.59 38.57 -25.43
C GLU D 60 -1.81 37.08 -25.20
N PRO D 61 -2.68 36.71 -24.26
CA PRO D 61 -2.94 35.29 -24.01
C PRO D 61 -3.85 34.70 -25.07
N PRO D 62 -3.84 33.38 -25.25
CA PRO D 62 -4.70 32.76 -26.27
C PRO D 62 -6.15 32.78 -25.86
N LYS D 63 -7.01 32.55 -26.85
CA LYS D 63 -8.45 32.47 -26.63
C LYS D 63 -8.91 31.02 -26.62
N CYS D 64 -10.00 30.76 -25.90
CA CYS D 64 -10.61 29.44 -25.86
C CYS D 64 -11.93 29.52 -26.63
N LEU D 65 -11.89 29.09 -27.88
CA LEU D 65 -13.06 29.07 -28.74
C LEU D 65 -14.05 28.02 -28.25
N ASP D 66 -15.33 28.43 -28.16
CA ASP D 66 -16.42 27.69 -27.54
C ASP D 66 -16.87 26.53 -28.42
N PRO D 67 -17.12 25.36 -27.82
CA PRO D 67 -17.77 24.27 -28.55
C PRO D 67 -19.28 24.41 -28.50
N CYS D 68 -20.02 23.50 -29.13
CA CYS D 68 -21.47 23.55 -29.16
C CYS D 68 -22.06 22.36 -28.42
N VAL D 69 -23.25 22.57 -27.88
CA VAL D 69 -24.01 21.52 -27.22
C VAL D 69 -25.31 21.35 -28.00
N ILE D 70 -25.48 20.19 -28.62
CA ILE D 70 -26.69 19.92 -29.37
C ILE D 70 -27.77 19.46 -28.40
N SER D 71 -28.91 20.15 -28.40
CA SER D 71 -29.96 19.88 -27.42
C SER D 71 -31.08 19.07 -28.05
N GLN D 72 -31.57 18.08 -27.30
CA GLN D 72 -32.67 17.25 -27.77
C GLN D 72 -33.96 18.06 -27.88
N GLU D 73 -34.13 19.07 -27.03
CA GLU D 73 -35.39 19.83 -27.03
C GLU D 73 -35.56 20.61 -28.32
N ILE D 74 -34.52 21.30 -28.77
CA ILE D 74 -34.60 22.07 -30.00
C ILE D 74 -34.80 21.15 -31.20
N MET D 75 -34.12 20.00 -31.20
CA MET D 75 -34.28 19.05 -32.31
C MET D 75 -35.71 18.52 -32.36
N GLU D 76 -36.32 18.28 -31.19
CA GLU D 76 -37.71 17.82 -31.17
C GLU D 76 -38.67 18.94 -31.53
N LYS D 77 -38.31 20.20 -31.24
CA LYS D 77 -39.17 21.31 -31.59
C LYS D 77 -39.30 21.49 -33.09
N TYR D 78 -38.25 21.16 -33.85
CA TYR D 78 -38.24 21.37 -35.30
C TYR D 78 -38.28 20.06 -36.08
N ASN D 79 -38.61 18.94 -35.42
CA ASN D 79 -38.85 17.66 -36.09
C ASN D 79 -37.61 17.19 -36.87
N ILE D 80 -36.44 17.37 -36.28
CA ILE D 80 -35.19 16.95 -36.89
C ILE D 80 -34.47 15.98 -35.95
N LYS D 81 -33.43 15.34 -36.47
CA LYS D 81 -32.61 14.44 -35.68
C LYS D 81 -31.22 14.38 -36.30
N LEU D 82 -30.28 13.81 -35.54
CA LEU D 82 -28.93 13.63 -36.03
C LEU D 82 -28.90 12.50 -37.07
N LYS D 83 -28.12 12.71 -38.13
CA LYS D 83 -28.07 11.73 -39.21
C LYS D 83 -27.22 10.52 -38.86
N TRP D 84 -26.22 10.68 -37.99
CA TRP D 84 -25.37 9.58 -37.55
C TRP D 84 -25.48 9.49 -36.04
N THR D 85 -26.09 8.40 -35.55
CA THR D 85 -26.44 8.15 -34.15
C THR D 85 -27.59 9.07 -33.69
N LYS D 89 -22.49 12.77 -31.45
CA LYS D 89 -22.28 14.15 -31.89
C LYS D 89 -23.05 15.11 -30.99
N LEU D 90 -23.12 14.77 -29.70
CA LEU D 90 -23.78 15.64 -28.72
C LEU D 90 -22.95 16.90 -28.47
N TYR D 91 -21.62 16.75 -28.45
CA TYR D 91 -20.71 17.87 -28.30
C TYR D 91 -19.93 18.06 -29.60
N SER D 92 -19.80 19.30 -30.04
CA SER D 92 -19.12 19.63 -31.29
C SER D 92 -18.12 20.75 -31.07
N ARG D 93 -16.88 20.53 -31.50
CA ARG D 93 -15.90 21.60 -31.50
C ARG D 93 -16.31 22.69 -32.50
N THR D 94 -15.79 23.89 -32.28
CA THR D 94 -16.02 24.96 -33.24
C THR D 94 -15.40 24.58 -34.58
N GLY D 95 -16.13 24.84 -35.66
CA GLY D 95 -15.75 24.40 -36.98
C GLY D 95 -16.35 23.07 -37.41
N ASP D 96 -16.80 22.26 -36.47
CA ASP D 96 -17.42 20.98 -36.81
C ASP D 96 -18.70 21.21 -37.61
N ILE D 97 -18.95 20.29 -38.54
CA ILE D 97 -20.19 20.23 -39.28
C ILE D 97 -21.09 19.19 -38.63
N VAL D 98 -22.29 19.58 -38.25
CA VAL D 98 -23.30 18.68 -37.69
C VAL D 98 -24.38 18.51 -38.74
N GLU D 99 -24.61 17.28 -39.17
CA GLU D 99 -25.58 16.98 -40.21
C GLU D 99 -26.87 16.47 -39.58
N PHE D 100 -27.98 17.13 -39.93
CA PHE D 100 -29.30 16.74 -39.48
C PHE D 100 -30.09 16.13 -40.63
N VAL D 101 -31.15 15.39 -40.26
CA VAL D 101 -32.14 14.92 -41.20
C VAL D 101 -33.52 15.14 -40.59
N CYS D 102 -34.54 15.08 -41.43
CA CYS D 102 -35.90 15.12 -40.94
C CYS D 102 -36.23 13.82 -40.22
N LYS D 103 -37.02 13.91 -39.16
CA LYS D 103 -37.57 12.71 -38.56
C LYS D 103 -38.53 12.06 -39.53
N SER D 104 -38.61 10.73 -39.48
CA SER D 104 -39.47 9.96 -40.37
C SER D 104 -40.89 10.52 -40.38
N GLY D 105 -41.41 10.77 -41.57
CA GLY D 105 -42.71 11.38 -41.74
C GLY D 105 -42.70 12.88 -41.89
N TYR D 106 -41.53 13.50 -41.97
CA TYR D 106 -41.42 14.95 -42.05
C TYR D 106 -40.59 15.33 -43.26
N HIS D 107 -40.74 16.60 -43.68
CA HIS D 107 -40.13 17.13 -44.89
C HIS D 107 -39.58 18.52 -44.59
N PRO D 108 -38.43 18.88 -45.15
CA PRO D 108 -37.83 20.18 -44.83
C PRO D 108 -38.73 21.34 -45.26
N THR D 109 -38.75 22.38 -44.43
CA THR D 109 -39.43 23.62 -44.74
C THR D 109 -38.42 24.63 -45.28
N LYS D 110 -38.87 25.86 -45.45
CA LYS D 110 -37.93 26.97 -45.56
C LYS D 110 -37.05 26.98 -44.32
N SER D 111 -35.75 26.74 -44.52
CA SER D 111 -34.90 26.46 -43.37
C SER D 111 -33.45 26.77 -43.69
N HIS D 112 -32.66 26.95 -42.64
CA HIS D 112 -31.21 26.98 -42.77
C HIS D 112 -30.70 25.60 -43.17
N SER D 113 -29.41 25.55 -43.50
CA SER D 113 -28.84 24.31 -44.03
C SER D 113 -28.94 23.18 -43.01
N PHE D 114 -29.10 21.96 -43.52
CA PHE D 114 -29.16 20.78 -42.68
C PHE D 114 -27.77 20.27 -42.30
N ARG D 115 -26.72 20.78 -42.94
CA ARG D 115 -25.33 20.57 -42.52
C ARG D 115 -24.87 21.89 -41.92
N ALA D 116 -25.07 22.04 -40.61
CA ALA D 116 -24.83 23.31 -39.92
C ALA D 116 -23.46 23.29 -39.27
N MET D 117 -22.72 24.39 -39.41
CA MET D 117 -21.42 24.52 -38.78
C MET D 117 -21.56 25.13 -37.39
N CYS D 118 -20.83 24.55 -36.44
CA CYS D 118 -20.69 25.13 -35.11
C CYS D 118 -19.52 26.10 -35.14
N GLN D 119 -19.78 27.37 -34.81
CA GLN D 119 -18.73 28.38 -34.69
C GLN D 119 -18.94 29.13 -33.38
N ASN D 120 -18.04 28.90 -32.43
CA ASN D 120 -17.99 29.63 -31.16
C ASN D 120 -19.31 29.51 -30.39
N GLY D 121 -19.69 28.25 -30.13
CA GLY D 121 -20.90 27.96 -29.39
C GLY D 121 -22.19 28.22 -30.12
N LYS D 122 -22.13 28.72 -31.36
CA LYS D 122 -23.32 29.05 -32.13
C LYS D 122 -23.60 27.94 -33.13
N LEU D 123 -24.84 27.42 -33.10
CA LEU D 123 -25.29 26.41 -34.04
C LEU D 123 -26.73 26.69 -34.40
N VAL D 124 -27.00 26.85 -35.69
CA VAL D 124 -28.34 27.14 -36.19
C VAL D 124 -28.98 25.84 -36.66
N TYR D 125 -30.19 25.57 -36.21
CA TYR D 125 -30.85 24.29 -36.46
C TYR D 125 -31.76 24.38 -37.67
N PRO D 126 -31.84 23.30 -38.45
CA PRO D 126 -32.84 23.24 -39.53
C PRO D 126 -34.22 22.92 -38.98
N SER D 127 -35.20 22.68 -39.86
CA SER D 127 -36.55 22.39 -39.40
C SER D 127 -37.32 21.68 -40.49
N CYS D 128 -38.22 20.79 -40.06
CA CYS D 128 -39.08 20.04 -40.97
C CYS D 128 -40.54 20.20 -40.51
N GLU D 129 -41.46 19.81 -41.37
CA GLU D 129 -42.89 19.90 -41.07
C GLU D 129 -43.59 18.66 -41.63
N GLU D 130 -44.92 18.70 -41.64
CA GLU D 130 -45.75 17.58 -42.03
C GLU D 130 -45.48 16.36 -41.16
S SO4 E . 17.80 -11.62 31.80
O1 SO4 E . 19.17 -12.19 32.06
O2 SO4 E . 16.97 -11.69 33.04
O3 SO4 E . 17.93 -10.18 31.37
O4 SO4 E . 17.15 -12.40 30.70
S SO4 F . 30.23 14.20 4.36
O1 SO4 F . 31.41 13.98 3.47
O2 SO4 F . 30.69 14.52 5.75
O3 SO4 F . 29.41 15.35 3.85
O4 SO4 F . 29.38 12.96 4.38
S SO4 G . 4.67 -2.81 1.49
O1 SO4 G . 5.02 -1.44 1.00
O2 SO4 G . 4.24 -2.74 2.93
O3 SO4 G . 3.55 -3.37 0.68
O4 SO4 G . 5.87 -3.70 1.38
S SO4 H . -9.74 18.67 -26.87
O1 SO4 H . -8.33 19.16 -26.94
O2 SO4 H . -10.23 18.77 -25.46
O3 SO4 H . -10.60 19.52 -27.77
O4 SO4 H . -9.81 17.24 -27.31
#